data_2OSU
#
_entry.id   2OSU
#
_cell.length_a   71.247
_cell.length_b   184.701
_cell.length_c   51.422
_cell.angle_alpha   90.00
_cell.angle_beta   90.00
_cell.angle_gamma   90.00
#
_symmetry.space_group_name_H-M   'P 21 21 2'
#
loop_
_entity.id
_entity.type
_entity.pdbx_description
1 polymer 'Glutaminase 1'
2 non-polymer 6-DIAZENYL-5-OXO-L-NORLEUCINE
3 water water
#
_entity_poly.entity_id   1
_entity_poly.type   'polypeptide(L)'
_entity_poly.pdbx_seq_one_letter_code
;SNA(MSE)KELIKEHQKDINPALQLHDWVEYYRPFAANGQSANYIPALGKVNDSQLGICVLEPDGT(MSE)IHAGDWNVS
FT(MSE)QSISKVISFIAAC(MSE)SRGIPYVLDRVDVEPTGDAFNSIIRLEINKPGKPFNP(MSE)INAGALTIASILP
GESAYEKLEFLYSV(MSE)ETLIGKRPRIHEEVFRSEWETAHRNRALAYYLKETNFLEAEVEETLEVYLKQCA(MSE)ES
TTEDIALIGLILAHDGYHPIRHEQVIPKDVAKLAKAL(MSE)LTCG(MSE)YNASGKYAAFVGVPAKSGVSGGI(MSE)A
LVPPSARREQPFQSGCGIGIYGPAIDEYGNSLTGG(MSE)LLKH(MSE)AQEWELSIF
;
_entity_poly.pdbx_strand_id   A,B
#
# COMPACT_ATOMS: atom_id res chain seq x y z
N ALA A 3 -0.54 26.58 49.93
CA ALA A 3 -0.32 25.31 49.18
C ALA A 3 1.17 24.99 48.99
N MSE A 4 1.79 24.47 50.06
CA MSE A 4 3.23 24.18 50.08
C MSE A 4 3.71 23.19 49.01
O MSE A 4 4.84 23.32 48.49
CB MSE A 4 3.62 23.63 51.44
CG MSE A 4 3.43 24.60 52.60
SE MSE A 4 4.09 23.76 54.27
CE MSE A 4 5.95 23.65 53.69
N LYS A 5 2.86 22.18 48.73
CA LYS A 5 3.17 21.16 47.74
C LYS A 5 2.32 21.38 46.48
N GLU A 6 2.97 21.36 45.31
CA GLU A 6 2.29 21.58 44.02
C GLU A 6 3.04 20.90 42.89
N LEU A 7 2.76 21.34 41.66
CA LEU A 7 3.58 20.97 40.50
C LEU A 7 4.22 22.21 39.87
N ILE A 8 5.21 21.99 39.00
CA ILE A 8 6.05 23.05 38.47
C ILE A 8 5.52 23.63 37.12
N LYS A 9 5.41 24.97 37.06
CA LYS A 9 5.03 25.72 35.84
C LYS A 9 6.30 26.03 35.03
N GLU A 10 6.28 25.73 33.74
CA GLU A 10 7.51 25.42 33.00
C GLU A 10 8.04 26.42 31.95
N HIS A 11 8.60 25.84 30.88
CA HIS A 11 9.54 26.48 29.95
C HIS A 11 8.84 27.06 28.70
N ILE A 15 7.45 21.23 20.21
CA ILE A 15 8.90 21.11 20.33
C ILE A 15 9.33 19.70 20.81
N ASN A 16 8.66 19.20 21.86
CA ASN A 16 9.14 18.02 22.60
C ASN A 16 8.33 16.71 22.45
N PRO A 17 8.87 15.74 21.69
CA PRO A 17 8.10 14.51 21.36
C PRO A 17 7.66 13.66 22.55
N ALA A 18 8.52 13.58 23.57
CA ALA A 18 8.22 12.82 24.79
C ALA A 18 7.04 13.43 25.55
N LEU A 19 7.06 14.76 25.67
CA LEU A 19 5.96 15.49 26.29
C LEU A 19 4.65 15.31 25.51
N GLN A 20 4.76 15.40 24.19
CA GLN A 20 3.62 15.19 23.32
C GLN A 20 3.04 13.76 23.45
N LEU A 21 3.91 12.75 23.42
CA LEU A 21 3.46 11.37 23.61
C LEU A 21 2.67 11.14 24.89
N HIS A 22 3.12 11.77 26.00
CA HIS A 22 2.42 11.73 27.29
C HIS A 22 1.05 12.37 27.23
N ASP A 23 0.99 13.61 26.76
CA ASP A 23 -0.28 14.29 26.59
C ASP A 23 -1.28 13.50 25.72
N TRP A 24 -0.76 12.86 24.66
CA TRP A 24 -1.57 12.12 23.71
C TRP A 24 -2.06 10.78 24.23
N VAL A 25 -1.20 10.06 24.96
CA VAL A 25 -1.62 8.82 25.61
C VAL A 25 -2.71 9.11 26.63
N GLU A 26 -2.57 10.19 27.38
CA GLU A 26 -3.56 10.52 28.38
C GLU A 26 -4.90 11.01 27.78
N TYR A 27 -4.82 11.69 26.63
CA TYR A 27 -6.04 12.09 25.92
C TYR A 27 -6.69 10.90 25.22
N TYR A 28 -5.92 10.00 24.61
CA TYR A 28 -6.55 8.90 23.89
C TYR A 28 -6.93 7.70 24.74
N ARG A 29 -6.35 7.61 25.93
CA ARG A 29 -6.69 6.51 26.86
C ARG A 29 -8.22 6.30 27.09
N PRO A 30 -8.98 7.36 27.48
CA PRO A 30 -10.42 7.11 27.72
C PRO A 30 -11.24 6.47 26.57
N PHE A 31 -10.88 6.71 25.30
CA PHE A 31 -11.65 6.21 24.15
C PHE A 31 -11.81 4.69 24.12
N ALA A 32 -11.05 3.98 24.97
CA ALA A 32 -11.11 2.52 25.08
C ALA A 32 -12.49 1.97 25.45
N ALA A 33 -13.30 2.80 26.11
CA ALA A 33 -14.69 2.46 26.45
C ALA A 33 -15.59 2.24 25.22
N ASN A 34 -15.07 2.52 24.03
CA ASN A 34 -15.82 2.32 22.78
C ASN A 34 -15.40 1.07 21.99
N GLY A 35 -14.51 0.28 22.60
CA GLY A 35 -14.05 -1.01 22.06
C GLY A 35 -13.97 -2.13 23.09
N GLN A 36 -13.64 -3.33 22.59
CA GLN A 36 -13.62 -4.57 23.39
C GLN A 36 -12.24 -5.25 23.40
N SER A 37 -11.98 -6.05 24.43
CA SER A 37 -10.81 -6.94 24.49
C SER A 37 -11.18 -8.21 23.73
N ALA A 38 -10.19 -8.81 23.05
CA ALA A 38 -10.43 -9.98 22.17
C ALA A 38 -11.17 -11.11 22.88
N ASN A 39 -12.27 -11.56 22.26
CA ASN A 39 -13.22 -12.47 22.90
C ASN A 39 -13.00 -13.94 22.57
N TYR A 40 -12.71 -14.23 21.31
CA TYR A 40 -12.59 -15.61 20.83
C TYR A 40 -11.37 -16.37 21.40
N ILE A 41 -10.50 -15.63 22.10
CA ILE A 41 -9.48 -16.23 22.98
C ILE A 41 -9.78 -15.81 24.43
N PRO A 42 -10.30 -16.75 25.25
CA PRO A 42 -10.75 -16.49 26.63
C PRO A 42 -9.70 -15.87 27.58
N ALA A 43 -8.42 -16.20 27.35
CA ALA A 43 -7.30 -15.65 28.13
C ALA A 43 -7.10 -14.14 27.93
N LEU A 44 -7.35 -13.68 26.70
CA LEU A 44 -7.26 -12.26 26.34
C LEU A 44 -8.46 -11.43 26.83
N GLY A 45 -9.52 -12.11 27.29
CA GLY A 45 -10.70 -11.44 27.82
C GLY A 45 -10.52 -10.98 29.26
N LYS A 46 -9.48 -11.50 29.92
CA LYS A 46 -9.12 -11.07 31.28
C LYS A 46 -8.57 -9.64 31.33
N VAL A 47 -7.70 -9.34 30.36
CA VAL A 47 -6.90 -8.10 30.29
C VAL A 47 -7.70 -6.81 30.54
N ASN A 48 -7.06 -5.85 31.24
CA ASN A 48 -7.61 -4.50 31.42
C ASN A 48 -7.65 -3.68 30.11
N ASP A 49 -8.85 -3.20 29.78
CA ASP A 49 -9.14 -2.48 28.53
C ASP A 49 -8.54 -1.08 28.42
N SER A 50 -8.51 -0.31 29.51
CA SER A 50 -8.07 1.09 29.45
C SER A 50 -6.54 1.29 29.25
N GLN A 51 -5.78 0.20 29.11
CA GLN A 51 -4.33 0.30 28.98
C GLN A 51 -3.90 0.90 27.65
N LEU A 52 -2.86 1.73 27.69
CA LEU A 52 -2.33 2.38 26.50
C LEU A 52 -0.87 2.68 26.70
N GLY A 53 -0.02 2.11 25.85
CA GLY A 53 1.41 2.36 25.94
C GLY A 53 2.03 2.53 24.58
N ILE A 54 3.20 3.16 24.57
CA ILE A 54 3.91 3.46 23.33
C ILE A 54 5.41 3.56 23.56
N CYS A 55 6.18 3.11 22.57
CA CYS A 55 7.63 3.24 22.56
C CYS A 55 8.05 3.63 21.16
N VAL A 56 8.78 4.73 21.05
CA VAL A 56 9.38 5.13 19.80
C VAL A 56 10.89 5.05 19.99
N LEU A 57 11.58 4.40 19.06
CA LEU A 57 12.98 4.13 19.16
C LEU A 57 13.72 4.67 17.93
N GLU A 58 14.85 5.38 18.15
CA GLU A 58 15.65 5.93 17.06
C GLU A 58 16.94 5.13 16.80
N PRO A 59 17.51 5.25 15.60
CA PRO A 59 18.73 4.46 15.34
C PRO A 59 19.93 4.75 16.28
N ASP A 60 20.05 5.98 16.79
CA ASP A 60 21.09 6.32 17.76
C ASP A 60 20.82 5.80 19.18
N GLY A 61 19.75 5.04 19.38
CA GLY A 61 19.45 4.40 20.65
C GLY A 61 18.46 5.18 21.52
N THR A 62 18.24 6.44 21.19
CA THR A 62 17.19 7.24 21.81
C THR A 62 15.85 6.52 21.77
N MSE A 63 15.27 6.34 22.94
CA MSE A 63 13.98 5.72 23.11
C MSE A 63 13.11 6.67 23.92
O MSE A 63 13.52 7.14 24.95
CB MSE A 63 14.20 4.42 23.87
CG MSE A 63 13.01 3.93 24.66
SE MSE A 63 13.34 2.09 25.19
CE MSE A 63 15.04 2.32 26.10
N ILE A 64 11.90 6.97 23.44
CA ILE A 64 10.92 7.70 24.25
C ILE A 64 9.72 6.79 24.48
N HIS A 65 9.06 6.91 25.62
CA HIS A 65 7.87 6.12 25.88
C HIS A 65 6.89 6.78 26.84
N ALA A 66 5.69 6.24 26.92
CA ALA A 66 4.62 6.80 27.71
C ALA A 66 3.60 5.71 27.95
N GLY A 67 2.82 5.87 29.01
CA GLY A 67 1.75 4.93 29.34
C GLY A 67 2.28 3.56 29.66
N ASP A 68 1.47 2.55 29.36
CA ASP A 68 1.76 1.15 29.66
C ASP A 68 2.73 0.52 28.65
N TRP A 69 3.88 1.15 28.51
CA TRP A 69 4.87 0.81 27.49
C TRP A 69 5.66 -0.46 27.81
N ASN A 70 5.57 -0.90 29.06
CA ASN A 70 6.40 -1.98 29.54
C ASN A 70 5.60 -3.18 30.03
N VAL A 71 4.29 -3.18 29.79
CA VAL A 71 3.46 -4.35 30.06
C VAL A 71 3.66 -5.41 28.97
N SER A 72 3.87 -6.66 29.38
CA SER A 72 3.92 -7.82 28.45
C SER A 72 2.59 -8.13 27.79
N PHE A 73 2.65 -8.54 26.53
CA PHE A 73 1.51 -9.03 25.81
C PHE A 73 2.00 -10.03 24.77
N THR A 74 1.06 -10.80 24.24
CA THR A 74 1.37 -11.77 23.24
C THR A 74 1.34 -11.04 21.88
N MSE A 75 2.30 -11.36 21.03
CA MSE A 75 2.42 -10.74 19.74
C MSE A 75 1.23 -10.95 18.83
O MSE A 75 0.86 -10.04 18.07
CB MSE A 75 3.69 -11.21 19.06
CG MSE A 75 4.87 -10.29 19.38
SE MSE A 75 6.47 -11.16 18.80
CE MSE A 75 6.78 -10.08 17.23
N GLN A 76 0.60 -12.13 18.93
CA GLN A 76 -0.49 -12.51 18.04
C GLN A 76 -0.08 -12.31 16.59
N SER A 77 -0.90 -11.63 15.80
CA SER A 77 -0.64 -11.51 14.35
C SER A 77 0.60 -10.77 13.96
N ILE A 78 1.15 -9.96 14.87
CA ILE A 78 2.44 -9.30 14.63
C ILE A 78 3.51 -10.35 14.35
N SER A 79 3.38 -11.52 14.94
CA SER A 79 4.31 -12.61 14.69
C SER A 79 4.25 -13.10 13.25
N LYS A 80 3.14 -12.84 12.53
CA LYS A 80 3.06 -13.29 11.14
C LYS A 80 4.13 -12.67 10.31
N VAL A 81 4.56 -11.49 10.73
CA VAL A 81 5.61 -10.73 10.02
C VAL A 81 6.96 -11.41 10.22
N ILE A 82 7.24 -11.86 11.44
CA ILE A 82 8.49 -12.56 11.79
C ILE A 82 8.56 -13.94 11.17
N SER A 83 7.45 -14.69 11.19
CA SER A 83 7.50 -16.01 10.59
C SER A 83 7.64 -15.90 9.11
N PHE A 84 6.93 -14.94 8.51
CA PHE A 84 7.10 -14.65 7.07
C PHE A 84 8.57 -14.30 6.70
N ILE A 85 9.16 -13.36 7.42
CA ILE A 85 10.60 -13.06 7.30
C ILE A 85 11.48 -14.31 7.46
N ALA A 86 11.27 -15.07 8.53
CA ALA A 86 12.05 -16.30 8.73
C ALA A 86 11.94 -17.32 7.60
N ALA A 87 10.73 -17.50 7.05
CA ALA A 87 10.51 -18.38 5.94
C ALA A 87 11.21 -17.92 4.67
N CYS A 88 11.18 -16.61 4.37
CA CYS A 88 11.97 -16.09 3.22
C CYS A 88 13.48 -16.27 3.41
N MSE A 89 13.97 -16.03 4.61
CA MSE A 89 15.37 -16.22 4.90
C MSE A 89 15.76 -17.69 4.72
O MSE A 89 16.77 -18.00 4.10
CB MSE A 89 15.68 -15.73 6.31
CG MSE A 89 15.73 -14.25 6.39
SE MSE A 89 15.92 -13.64 8.19
CE MSE A 89 17.74 -14.28 8.56
N SER A 90 14.93 -18.58 5.25
CA SER A 90 15.19 -19.99 5.09
C SER A 90 15.06 -20.49 3.65
N ARG A 91 13.89 -20.25 3.07
CA ARG A 91 13.55 -20.91 1.81
C ARG A 91 13.84 -20.04 0.61
N GLY A 92 14.04 -18.74 0.83
CA GLY A 92 14.20 -17.75 -0.26
C GLY A 92 12.85 -17.15 -0.65
N ILE A 93 12.86 -15.91 -1.14
CA ILE A 93 11.65 -15.25 -1.58
C ILE A 93 10.83 -16.05 -2.64
N PRO A 94 11.48 -16.54 -3.72
CA PRO A 94 10.65 -17.21 -4.76
C PRO A 94 9.81 -18.42 -4.33
N TYR A 95 10.35 -19.24 -3.45
CA TYR A 95 9.68 -20.43 -2.93
C TYR A 95 8.48 -20.03 -2.06
N VAL A 96 8.66 -19.03 -1.20
CA VAL A 96 7.60 -18.57 -0.31
C VAL A 96 6.45 -18.01 -1.13
N LEU A 97 6.79 -17.28 -2.19
CA LEU A 97 5.78 -16.60 -3.01
C LEU A 97 5.09 -17.53 -4.00
N ASP A 98 5.56 -18.77 -4.10
CA ASP A 98 4.82 -19.79 -4.85
C ASP A 98 3.68 -20.38 -4.04
N ARG A 99 3.70 -20.15 -2.73
CA ARG A 99 2.80 -20.83 -1.81
C ARG A 99 1.91 -19.84 -1.08
N VAL A 100 2.28 -18.57 -1.19
CA VAL A 100 1.63 -17.49 -0.50
C VAL A 100 1.47 -16.30 -1.43
N ASP A 101 0.33 -15.63 -1.38
CA ASP A 101 0.08 -14.44 -2.20
C ASP A 101 0.59 -13.16 -1.51
N VAL A 102 1.01 -12.17 -2.29
CA VAL A 102 1.30 -10.85 -1.73
C VAL A 102 0.20 -9.82 -2.02
N GLU A 103 -0.90 -10.27 -2.61
CA GLU A 103 -2.04 -9.40 -2.94
C GLU A 103 -3.00 -9.21 -1.77
N PRO A 104 -3.48 -7.97 -1.54
CA PRO A 104 -4.52 -7.69 -0.54
C PRO A 104 -5.92 -8.09 -1.03
N GLY A 121 -6.60 -25.32 -5.28
CA GLY A 121 -7.10 -23.99 -4.95
C GLY A 121 -6.08 -22.91 -5.26
N LYS A 122 -5.95 -21.95 -4.36
CA LYS A 122 -5.09 -20.79 -4.57
C LYS A 122 -4.31 -20.45 -3.31
N PRO A 123 -3.19 -19.69 -3.44
CA PRO A 123 -2.49 -19.31 -2.21
C PRO A 123 -3.25 -18.22 -1.46
N PHE A 124 -2.87 -17.99 -0.21
CA PHE A 124 -3.49 -16.98 0.63
C PHE A 124 -2.44 -15.98 1.15
N ASN A 125 -2.86 -14.77 1.51
CA ASN A 125 -1.93 -13.70 1.95
C ASN A 125 -1.24 -14.06 3.30
N PRO A 126 0.10 -13.85 3.44
CA PRO A 126 0.75 -14.23 4.71
C PRO A 126 0.28 -13.48 5.98
N MSE A 127 -0.44 -12.39 5.80
CA MSE A 127 -0.92 -11.59 6.92
C MSE A 127 -2.28 -12.08 7.40
O MSE A 127 -2.76 -11.69 8.46
CB MSE A 127 -0.98 -10.10 6.56
CG MSE A 127 0.32 -9.50 6.10
SE MSE A 127 1.72 -9.51 7.47
CE MSE A 127 2.76 -11.09 6.91
N ILE A 128 -2.93 -12.94 6.62
CA ILE A 128 -4.17 -13.55 7.11
C ILE A 128 -3.88 -14.97 7.61
N ASN A 129 -4.77 -15.52 8.42
CA ASN A 129 -4.58 -16.79 9.12
C ASN A 129 -4.20 -17.91 8.16
N ALA A 130 -4.84 -17.95 7.00
CA ALA A 130 -4.59 -18.98 6.03
C ALA A 130 -3.15 -18.93 5.47
N GLY A 131 -2.68 -17.75 5.08
CA GLY A 131 -1.31 -17.66 4.57
C GLY A 131 -0.27 -17.83 5.67
N ALA A 132 -0.56 -17.31 6.86
CA ALA A 132 0.31 -17.48 8.01
C ALA A 132 0.50 -18.97 8.42
N LEU A 133 -0.55 -19.78 8.30
CA LEU A 133 -0.49 -21.23 8.54
C LEU A 133 0.36 -21.94 7.48
N THR A 134 0.17 -21.59 6.20
CA THR A 134 1.05 -22.05 5.15
C THR A 134 2.51 -21.71 5.47
N ILE A 135 2.75 -20.50 5.95
CA ILE A 135 4.10 -20.03 6.31
C ILE A 135 4.72 -20.88 7.43
N ALA A 136 3.97 -21.11 8.51
CA ALA A 136 4.47 -21.90 9.63
C ALA A 136 4.86 -23.28 9.10
N SER A 137 4.05 -23.83 8.22
CA SER A 137 4.28 -25.16 7.68
C SER A 137 5.52 -25.29 6.81
N ILE A 138 5.98 -24.20 6.21
CA ILE A 138 7.16 -24.25 5.37
C ILE A 138 8.43 -23.79 6.10
N LEU A 139 8.32 -23.36 7.37
CA LEU A 139 9.53 -23.16 8.16
C LEU A 139 10.39 -24.45 8.12
N PRO A 140 11.73 -24.30 8.18
CA PRO A 140 12.58 -25.48 8.14
C PRO A 140 12.56 -26.22 9.48
N GLY A 141 12.60 -27.55 9.43
CA GLY A 141 12.59 -28.36 10.63
C GLY A 141 11.69 -29.57 10.42
N GLU A 142 12.05 -30.68 11.03
CA GLU A 142 11.31 -31.90 10.79
C GLU A 142 10.23 -32.13 11.85
N SER A 143 10.00 -31.09 12.66
CA SER A 143 9.01 -31.14 13.75
C SER A 143 8.64 -29.74 14.19
N ALA A 144 7.58 -29.62 14.98
CA ALA A 144 7.11 -28.33 15.46
C ALA A 144 8.17 -27.64 16.32
N TYR A 145 8.87 -28.44 17.12
CA TYR A 145 9.97 -27.98 17.94
C TYR A 145 11.13 -27.34 17.14
N GLU A 146 11.48 -27.96 16.02
CA GLU A 146 12.57 -27.45 15.17
C GLU A 146 12.19 -26.19 14.43
N LYS A 147 10.98 -26.19 13.88
CA LYS A 147 10.42 -24.98 13.25
C LYS A 147 10.45 -23.82 14.24
N LEU A 148 10.09 -24.12 15.49
CA LEU A 148 10.03 -23.07 16.50
C LEU A 148 11.40 -22.59 16.92
N GLU A 149 12.37 -23.49 17.02
CA GLU A 149 13.73 -23.07 17.34
C GLU A 149 14.30 -22.18 16.22
N PHE A 150 13.93 -22.48 14.98
CA PHE A 150 14.36 -21.62 13.88
C PHE A 150 13.79 -20.21 14.08
N LEU A 151 12.50 -20.16 14.30
CA LEU A 151 11.80 -18.89 14.51
C LEU A 151 12.35 -18.11 15.71
N TYR A 152 12.66 -18.79 16.81
CA TYR A 152 13.27 -18.14 17.97
C TYR A 152 14.70 -17.67 17.73
N SER A 153 15.46 -18.37 16.89
CA SER A 153 16.81 -17.90 16.60
C SER A 153 16.76 -16.58 15.79
N VAL A 154 15.78 -16.45 14.90
CA VAL A 154 15.57 -15.23 14.13
C VAL A 154 15.12 -14.08 15.06
N MSE A 155 14.12 -14.39 15.87
CA MSE A 155 13.66 -13.47 16.90
C MSE A 155 14.81 -12.95 17.80
O MSE A 155 14.90 -11.76 18.10
CB MSE A 155 12.55 -14.17 17.69
CG MSE A 155 11.71 -13.25 18.52
SE MSE A 155 10.72 -11.95 17.43
CE MSE A 155 9.12 -12.93 17.05
N GLU A 156 15.72 -13.83 18.19
CA GLU A 156 16.83 -13.47 19.04
C GLU A 156 17.87 -12.57 18.36
N THR A 157 18.12 -12.74 17.05
CA THR A 157 18.98 -11.80 16.28
C THR A 157 18.37 -10.39 16.23
N LEU A 158 17.06 -10.30 16.25
CA LEU A 158 16.35 -9.03 16.28
C LEU A 158 16.30 -8.38 17.67
N ILE A 159 15.68 -9.05 18.65
CA ILE A 159 15.49 -8.44 19.97
C ILE A 159 16.59 -8.75 20.98
N GLY A 160 17.51 -9.63 20.60
CA GLY A 160 18.63 -9.94 21.45
C GLY A 160 18.38 -10.97 22.53
N LYS A 161 17.18 -11.54 22.55
CA LYS A 161 16.83 -12.56 23.55
C LYS A 161 15.82 -13.59 23.03
N ARG A 162 15.85 -14.77 23.63
CA ARG A 162 14.93 -15.87 23.36
C ARG A 162 13.55 -15.47 23.89
N PRO A 163 12.53 -15.43 23.01
CA PRO A 163 11.18 -15.02 23.43
C PRO A 163 10.44 -16.02 24.36
N ARG A 164 9.59 -15.49 25.25
CA ARG A 164 8.81 -16.27 26.19
C ARG A 164 7.39 -16.57 25.66
N ILE A 165 6.98 -17.83 25.75
CA ILE A 165 5.65 -18.24 25.34
C ILE A 165 4.72 -18.04 26.51
N HIS A 166 3.67 -17.26 26.34
CA HIS A 166 2.63 -17.19 27.34
C HIS A 166 1.76 -18.45 27.21
N GLU A 167 2.06 -19.45 28.04
CA GLU A 167 1.45 -20.78 27.91
C GLU A 167 -0.03 -20.82 28.24
N GLU A 168 -0.45 -20.00 29.19
CA GLU A 168 -1.86 -19.78 29.46
C GLU A 168 -2.59 -19.42 28.15
N VAL A 169 -2.17 -18.33 27.49
CA VAL A 169 -2.74 -17.95 26.20
C VAL A 169 -2.65 -19.10 25.17
N PHE A 170 -1.49 -19.75 25.04
CA PHE A 170 -1.33 -20.84 24.08
C PHE A 170 -2.36 -21.96 24.24
N ARG A 171 -2.53 -22.44 25.47
CA ARG A 171 -3.37 -23.59 25.73
C ARG A 171 -4.85 -23.25 25.49
N SER A 172 -5.25 -22.05 25.85
CA SER A 172 -6.62 -21.64 25.63
C SER A 172 -6.93 -21.39 24.15
N GLU A 173 -5.91 -21.01 23.37
CA GLU A 173 -6.01 -20.94 21.91
C GLU A 173 -6.09 -22.36 21.34
N TRP A 174 -5.24 -23.24 21.86
CA TRP A 174 -5.18 -24.67 21.44
C TRP A 174 -6.49 -25.47 21.56
N GLU A 175 -7.24 -25.21 22.62
CA GLU A 175 -8.46 -25.96 22.89
C GLU A 175 -9.69 -25.46 22.10
N THR A 176 -9.62 -24.23 21.62
CA THR A 176 -10.75 -23.55 20.98
C THR A 176 -10.45 -23.20 19.51
N ALA A 177 -9.37 -23.75 18.95
CA ALA A 177 -8.91 -23.34 17.63
C ALA A 177 -9.56 -24.06 16.44
N HIS A 178 -10.88 -24.22 16.48
CA HIS A 178 -11.67 -24.87 15.43
C HIS A 178 -11.53 -24.20 14.09
N ARG A 179 -11.61 -22.88 14.04
N ARG A 179 -11.62 -22.87 14.06
CA ARG A 179 -11.50 -22.16 12.77
CA ARG A 179 -11.50 -22.11 12.81
C ARG A 179 -10.13 -22.36 12.12
C ARG A 179 -10.15 -22.38 12.14
N ASN A 180 -9.06 -22.23 12.90
CA ASN A 180 -7.71 -22.50 12.37
C ASN A 180 -7.45 -23.95 11.93
N ARG A 181 -8.01 -24.92 12.67
CA ARG A 181 -7.99 -26.34 12.24
C ARG A 181 -8.74 -26.56 10.94
N ALA A 182 -9.90 -25.92 10.80
CA ALA A 182 -10.66 -25.96 9.54
C ALA A 182 -9.83 -25.52 8.33
N LEU A 183 -9.22 -24.35 8.46
CA LEU A 183 -8.34 -23.76 7.47
C LEU A 183 -7.12 -24.63 7.19
N ALA A 184 -6.45 -25.06 8.25
CA ALA A 184 -5.29 -25.92 8.07
C ALA A 184 -5.65 -27.17 7.30
N TYR A 185 -6.79 -27.80 7.60
CA TYR A 185 -7.18 -28.98 6.84
C TYR A 185 -7.53 -28.66 5.39
N TYR A 186 -8.11 -27.49 5.19
CA TYR A 186 -8.40 -26.97 3.85
C TYR A 186 -7.11 -26.80 3.02
N LEU A 187 -6.12 -26.15 3.64
CA LEU A 187 -4.81 -25.96 3.07
C LEU A 187 -4.08 -27.29 2.82
N LYS A 188 -4.30 -28.30 3.66
CA LYS A 188 -3.71 -29.62 3.41
C LYS A 188 -4.42 -30.33 2.25
N GLU A 189 -5.75 -30.23 2.22
CA GLU A 189 -6.54 -30.76 1.11
C GLU A 189 -6.03 -30.20 -0.20
N THR A 190 -5.96 -28.87 -0.27
CA THR A 190 -5.57 -28.17 -1.50
C THR A 190 -4.05 -28.08 -1.69
N ASN A 191 -3.29 -28.77 -0.83
CA ASN A 191 -1.87 -28.98 -1.05
C ASN A 191 -1.03 -27.70 -0.88
N PHE A 192 -1.46 -26.84 0.06
CA PHE A 192 -0.74 -25.64 0.43
C PHE A 192 -0.16 -25.69 1.84
N LEU A 193 -0.17 -26.84 2.48
CA LEU A 193 0.52 -27.02 3.74
C LEU A 193 1.65 -27.97 3.43
N GLU A 194 2.89 -27.58 3.76
CA GLU A 194 4.05 -28.46 3.57
C GLU A 194 4.41 -29.20 4.87
N ALA A 195 3.44 -29.41 5.74
CA ALA A 195 3.69 -30.12 7.01
C ALA A 195 2.37 -30.70 7.51
N GLU A 196 2.38 -31.37 8.65
CA GLU A 196 1.15 -31.96 9.14
C GLU A 196 0.34 -30.89 9.83
N VAL A 197 -0.96 -31.04 9.81
CA VAL A 197 -1.86 -30.06 10.40
C VAL A 197 -1.58 -29.75 11.86
N GLU A 198 -1.50 -30.78 12.71
CA GLU A 198 -1.30 -30.54 14.13
C GLU A 198 0.05 -29.90 14.42
N GLU A 199 1.08 -30.35 13.71
CA GLU A 199 2.41 -29.78 13.75
C GLU A 199 2.38 -28.28 13.39
N THR A 200 1.70 -27.97 12.28
CA THR A 200 1.47 -26.58 11.85
C THR A 200 0.69 -25.74 12.87
N LEU A 201 -0.42 -26.25 13.40
CA LEU A 201 -1.18 -25.51 14.42
C LEU A 201 -0.30 -25.13 15.61
N GLU A 202 0.53 -26.09 16.03
CA GLU A 202 1.39 -25.88 17.18
C GLU A 202 2.38 -24.75 16.99
N VAL A 203 3.07 -24.75 15.86
CA VAL A 203 3.99 -23.69 15.49
C VAL A 203 3.25 -22.34 15.39
N TYR A 204 2.16 -22.34 14.65
CA TYR A 204 1.41 -21.11 14.45
C TYR A 204 0.90 -20.55 15.78
N LEU A 205 0.27 -21.41 16.60
CA LEU A 205 -0.29 -20.95 17.88
C LEU A 205 0.79 -20.54 18.89
N LYS A 206 1.98 -21.10 18.74
CA LYS A 206 3.09 -20.77 19.61
C LYS A 206 3.74 -19.42 19.25
N GLN A 207 3.92 -19.13 17.96
CA GLN A 207 4.40 -17.78 17.59
C GLN A 207 3.41 -16.73 18.08
N CYS A 208 2.13 -16.99 17.88
CA CYS A 208 1.11 -16.06 18.35
C CYS A 208 1.20 -15.77 19.83
N ALA A 209 1.68 -16.72 20.60
CA ALA A 209 1.75 -16.56 22.04
C ALA A 209 3.10 -16.05 22.51
N MSE A 210 4.03 -15.81 21.59
CA MSE A 210 5.28 -15.14 21.95
C MSE A 210 4.97 -13.79 22.61
O MSE A 210 4.15 -13.03 22.13
CB MSE A 210 6.18 -14.95 20.72
CG MSE A 210 6.94 -16.21 20.28
SE MSE A 210 8.16 -16.00 18.78
CE MSE A 210 7.00 -14.89 17.59
N GLU A 211 5.66 -13.51 23.71
CA GLU A 211 5.47 -12.29 24.47
C GLU A 211 6.42 -11.19 24.02
N SER A 212 5.98 -9.94 24.19
CA SER A 212 6.83 -8.76 24.03
C SER A 212 6.23 -7.58 24.76
N THR A 213 7.01 -6.51 24.88
CA THR A 213 6.47 -5.20 25.29
C THR A 213 6.50 -4.26 24.07
N THR A 214 6.06 -3.01 24.22
CA THR A 214 6.12 -2.03 23.12
C THR A 214 7.56 -1.84 22.67
N GLU A 215 8.47 -1.97 23.61
CA GLU A 215 9.90 -1.86 23.32
C GLU A 215 10.43 -2.84 22.29
N ASP A 216 10.05 -4.12 22.42
CA ASP A 216 10.52 -5.18 21.51
C ASP A 216 10.02 -4.96 20.11
N ILE A 217 8.74 -4.63 19.97
CA ILE A 217 8.17 -4.33 18.65
C ILE A 217 8.68 -3.01 18.07
N ALA A 218 8.97 -2.02 18.90
CA ALA A 218 9.62 -0.80 18.40
C ALA A 218 10.97 -1.12 17.75
N LEU A 219 11.75 -2.01 18.36
CA LEU A 219 13.03 -2.47 17.80
C LEU A 219 12.93 -3.22 16.46
N ILE A 220 11.99 -4.15 16.34
CA ILE A 220 11.81 -4.86 15.09
C ILE A 220 11.37 -3.87 14.02
N GLY A 221 10.49 -2.94 14.39
CA GLY A 221 10.08 -1.84 13.53
C GLY A 221 11.25 -1.02 12.99
N LEU A 222 12.20 -0.68 13.86
CA LEU A 222 13.39 0.11 13.49
C LEU A 222 14.32 -0.60 12.51
N ILE A 223 14.50 -1.89 12.74
CA ILE A 223 15.28 -2.74 11.90
C ILE A 223 14.66 -2.79 10.51
N LEU A 224 13.34 -3.00 10.42
CA LEU A 224 12.65 -3.01 9.12
C LEU A 224 12.73 -1.65 8.46
N ALA A 225 12.59 -0.59 9.24
CA ALA A 225 12.71 0.77 8.72
C ALA A 225 14.07 0.98 8.07
N HIS A 226 15.09 0.28 8.56
CA HIS A 226 16.45 0.37 8.04
C HIS A 226 16.82 -0.77 7.09
N ASP A 227 15.80 -1.38 6.49
CA ASP A 227 15.93 -2.40 5.45
C ASP A 227 16.68 -3.64 5.95
N GLY A 228 16.40 -4.03 7.19
CA GLY A 228 16.98 -5.24 7.71
C GLY A 228 18.28 -4.97 8.45
N TYR A 229 18.75 -3.73 8.46
CA TYR A 229 19.99 -3.38 9.15
C TYR A 229 19.69 -3.05 10.60
N HIS A 230 20.45 -3.64 11.51
CA HIS A 230 20.22 -3.49 12.94
C HIS A 230 21.08 -2.32 13.37
N PRO A 231 20.46 -1.18 13.71
CA PRO A 231 21.35 -0.03 13.94
C PRO A 231 21.97 -0.03 15.34
N ILE A 232 21.55 -0.96 16.19
CA ILE A 232 22.11 -1.09 17.54
C ILE A 232 23.33 -2.06 17.48
N ARG A 233 23.12 -3.20 16.83
CA ARG A 233 24.17 -4.20 16.64
C ARG A 233 25.10 -3.93 15.46
N HIS A 234 24.70 -3.06 14.54
CA HIS A 234 25.47 -2.76 13.33
C HIS A 234 25.75 -3.99 12.46
N GLU A 235 24.69 -4.72 12.13
CA GLU A 235 24.75 -5.94 11.33
C GLU A 235 23.60 -5.91 10.35
N GLN A 236 23.75 -6.54 9.19
CA GLN A 236 22.61 -6.86 8.36
C GLN A 236 21.99 -8.15 8.90
N VAL A 237 20.75 -8.06 9.37
CA VAL A 237 20.15 -9.22 10.06
C VAL A 237 18.99 -9.82 9.26
N ILE A 238 18.36 -9.02 8.42
CA ILE A 238 17.36 -9.48 7.48
C ILE A 238 17.88 -8.99 6.13
N PRO A 239 17.85 -9.84 5.08
CA PRO A 239 18.17 -9.29 3.74
C PRO A 239 17.26 -8.11 3.38
N LYS A 240 17.82 -7.11 2.71
CA LYS A 240 17.10 -5.89 2.30
C LYS A 240 15.76 -6.18 1.60
N ASP A 241 15.77 -7.16 0.70
CA ASP A 241 14.61 -7.46 -0.13
C ASP A 241 13.50 -8.16 0.65
N VAL A 242 13.90 -8.89 1.68
CA VAL A 242 12.92 -9.45 2.59
C VAL A 242 12.25 -8.36 3.43
N ALA A 243 13.04 -7.41 3.90
CA ALA A 243 12.54 -6.30 4.71
C ALA A 243 11.52 -5.45 3.93
N LYS A 244 11.90 -5.02 2.72
CA LYS A 244 11.02 -4.36 1.73
C LYS A 244 9.69 -5.06 1.56
N LEU A 245 9.77 -6.34 1.24
CA LEU A 245 8.62 -7.22 1.12
C LEU A 245 7.75 -7.25 2.38
N ALA A 246 8.37 -7.39 3.55
CA ALA A 246 7.65 -7.32 4.81
C ALA A 246 6.85 -6.01 4.97
N LYS A 247 7.50 -4.86 4.75
CA LYS A 247 6.88 -3.52 4.86
C LYS A 247 5.73 -3.28 3.86
N ALA A 248 5.88 -3.82 2.66
CA ALA A 248 4.87 -3.74 1.64
C ALA A 248 3.59 -4.43 2.11
N LEU A 249 3.75 -5.60 2.74
CA LEU A 249 2.67 -6.35 3.31
C LEU A 249 2.09 -5.64 4.50
N MSE A 250 2.93 -5.03 5.34
CA MSE A 250 2.35 -4.21 6.44
C MSE A 250 1.52 -3.05 5.90
O MSE A 250 0.37 -2.87 6.29
CB MSE A 250 3.41 -3.73 7.43
CG MSE A 250 4.13 -4.89 8.14
SE MSE A 250 5.85 -4.39 8.87
CE MSE A 250 5.19 -3.06 10.16
N LEU A 251 2.06 -2.29 4.94
CA LEU A 251 1.32 -1.19 4.32
C LEU A 251 0.03 -1.65 3.65
N THR A 252 0.08 -2.75 2.89
CA THR A 252 -1.09 -3.21 2.15
C THR A 252 -2.08 -4.16 2.86
N CYS A 253 -1.60 -4.93 3.84
N CYS A 253 -1.64 -4.95 3.84
CA CYS A 253 -2.38 -6.03 4.44
CA CYS A 253 -2.53 -5.93 4.48
C CYS A 253 -2.22 -6.13 5.98
C CYS A 253 -2.27 -6.10 6.00
N GLY A 254 -1.57 -5.14 6.58
CA GLY A 254 -1.19 -5.19 8.00
C GLY A 254 -2.27 -4.84 9.01
N MSE A 255 -3.26 -4.07 8.60
CA MSE A 255 -4.31 -3.64 9.52
C MSE A 255 -5.63 -4.26 9.18
O MSE A 255 -6.68 -3.60 9.20
CB MSE A 255 -4.39 -2.11 9.58
CG MSE A 255 -3.08 -1.42 9.93
SE MSE A 255 -2.34 -1.96 11.67
CE MSE A 255 -3.45 -0.82 12.78
N TYR A 256 -5.59 -5.55 8.83
CA TYR A 256 -6.78 -6.35 8.47
C TYR A 256 -7.60 -5.64 7.37
N ASN A 257 -8.85 -5.31 7.67
CA ASN A 257 -9.75 -4.70 6.69
C ASN A 257 -9.82 -3.18 6.86
N ALA A 258 -8.78 -2.63 7.52
CA ALA A 258 -8.60 -1.19 7.58
C ALA A 258 -7.27 -0.77 6.96
N SER A 259 -6.57 -1.67 6.28
CA SER A 259 -5.24 -1.33 5.74
C SER A 259 -5.25 -0.13 4.76
N GLY A 260 -6.23 -0.08 3.88
CA GLY A 260 -6.41 1.06 2.99
C GLY A 260 -6.61 2.35 3.72
N LYS A 261 -7.41 2.32 4.78
CA LYS A 261 -7.66 3.51 5.62
C LYS A 261 -6.42 3.99 6.36
N TYR A 262 -5.62 3.04 6.85
CA TYR A 262 -4.36 3.38 7.45
C TYR A 262 -3.45 3.99 6.42
N ALA A 263 -3.32 3.35 5.25
CA ALA A 263 -2.45 3.90 4.23
C ALA A 263 -2.84 5.32 3.91
N ALA A 264 -4.15 5.61 3.82
CA ALA A 264 -4.62 6.96 3.40
C ALA A 264 -4.61 8.03 4.47
N PHE A 265 -4.75 7.62 5.72
CA PHE A 265 -4.90 8.59 6.79
C PHE A 265 -3.81 8.60 7.85
N VAL A 266 -2.87 7.67 7.71
CA VAL A 266 -1.74 7.53 8.62
C VAL A 266 -0.47 7.45 7.74
N GLY A 267 -0.38 6.42 6.91
CA GLY A 267 0.56 6.37 5.79
C GLY A 267 1.91 5.84 6.18
N VAL A 268 1.88 4.97 7.17
CA VAL A 268 3.07 4.41 7.80
C VAL A 268 2.95 2.87 7.81
N PRO A 269 3.98 2.11 7.37
CA PRO A 269 3.75 0.64 7.47
C PRO A 269 3.46 0.16 8.91
N ALA A 270 2.46 -0.69 9.08
CA ALA A 270 1.96 -1.03 10.41
C ALA A 270 1.38 -2.45 10.49
N LYS A 271 1.53 -3.10 11.65
CA LYS A 271 0.98 -4.43 11.86
C LYS A 271 0.33 -4.53 13.21
N SER A 272 -0.96 -4.86 13.25
CA SER A 272 -1.66 -5.09 14.50
C SER A 272 -1.80 -6.57 14.85
N GLY A 273 -2.14 -6.81 16.12
CA GLY A 273 -2.60 -8.13 16.62
C GLY A 273 -3.79 -7.92 17.54
N VAL A 274 -4.60 -8.97 17.68
CA VAL A 274 -5.80 -8.93 18.55
C VAL A 274 -5.56 -8.70 20.04
N SER A 275 -4.34 -8.91 20.52
CA SER A 275 -4.04 -8.57 21.92
C SER A 275 -3.89 -7.04 22.11
N GLY A 276 -3.70 -6.33 21.02
CA GLY A 276 -3.70 -4.87 21.06
C GLY A 276 -2.35 -4.24 20.74
N GLY A 277 -1.46 -5.02 20.14
CA GLY A 277 -0.19 -4.50 19.71
C GLY A 277 -0.33 -3.82 18.37
N ILE A 278 0.48 -2.77 18.16
CA ILE A 278 0.72 -2.29 16.80
C ILE A 278 2.21 -2.10 16.63
N MSE A 279 2.80 -2.78 15.67
CA MSE A 279 4.14 -2.44 15.28
C MSE A 279 4.06 -1.53 14.05
O MSE A 279 3.40 -1.88 13.06
CB MSE A 279 4.95 -3.67 14.99
CG MSE A 279 6.31 -3.40 14.42
SE MSE A 279 7.26 -5.12 14.20
CE MSE A 279 6.15 -5.92 12.77
N ALA A 280 4.74 -0.38 14.14
CA ALA A 280 4.81 0.56 13.04
C ALA A 280 6.23 1.06 12.88
N LEU A 281 6.50 1.71 11.75
CA LEU A 281 7.86 2.14 11.44
C LEU A 281 7.83 3.31 10.49
N VAL A 282 8.89 4.12 10.57
CA VAL A 282 9.13 5.21 9.62
C VAL A 282 10.55 5.11 9.09
N PRO A 283 10.72 4.95 7.78
CA PRO A 283 12.05 4.88 7.18
C PRO A 283 12.73 6.25 7.15
N PRO A 284 14.08 6.29 7.04
CA PRO A 284 14.79 7.55 6.90
C PRO A 284 14.15 8.41 5.80
N SER A 285 13.96 9.70 6.11
N SER A 285 14.00 9.71 6.05
CA SER A 285 13.25 10.66 5.24
CA SER A 285 13.38 10.61 5.06
C SER A 285 13.75 12.11 5.40
C SER A 285 14.24 11.84 4.76
N ALA A 286 13.57 12.91 4.34
CA ALA A 286 14.14 14.28 4.28
C ALA A 286 13.02 15.30 4.19
N GLN A 290 12.69 16.60 10.81
CA GLN A 290 12.44 16.59 12.25
C GLN A 290 10.95 16.42 12.56
N PRO A 291 10.59 15.59 13.58
CA PRO A 291 11.45 14.64 14.33
C PRO A 291 11.71 13.38 13.52
N PHE A 292 12.53 12.48 14.07
CA PHE A 292 12.75 11.15 13.49
C PHE A 292 13.01 11.18 12.00
N GLN A 293 13.94 12.05 11.59
CA GLN A 293 14.39 12.14 10.21
C GLN A 293 15.32 10.97 9.82
N SER A 294 15.95 10.35 10.80
CA SER A 294 16.68 9.09 10.58
C SER A 294 15.78 7.85 10.63
N GLY A 295 14.47 8.06 10.79
CA GLY A 295 13.53 6.96 10.92
C GLY A 295 13.32 6.57 12.37
N CYS A 296 12.46 5.59 12.59
CA CYS A 296 12.17 5.10 13.92
C CYS A 296 11.30 3.85 13.84
N GLY A 297 11.35 3.05 14.91
CA GLY A 297 10.45 1.98 15.15
C GLY A 297 9.44 2.44 16.18
N ILE A 298 8.20 1.99 16.01
CA ILE A 298 7.10 2.32 16.91
C ILE A 298 6.48 1.01 17.46
N GLY A 299 6.23 1.01 18.76
CA GLY A 299 5.54 -0.06 19.44
C GLY A 299 4.40 0.55 20.21
N ILE A 300 3.19 0.12 19.90
CA ILE A 300 2.01 0.60 20.61
C ILE A 300 1.28 -0.57 21.25
N TYR A 301 0.69 -0.32 22.40
CA TYR A 301 -0.16 -1.31 23.04
C TYR A 301 -1.43 -0.69 23.58
N GLY A 302 -2.57 -1.20 23.13
CA GLY A 302 -3.87 -0.76 23.68
C GLY A 302 -4.86 -1.88 23.44
N PRO A 303 -5.06 -2.75 24.44
CA PRO A 303 -5.85 -3.99 24.32
C PRO A 303 -7.33 -3.85 23.91
N ALA A 304 -7.96 -2.72 24.15
CA ALA A 304 -9.29 -2.50 23.59
C ALA A 304 -9.27 -2.41 22.05
N ILE A 305 -9.91 -3.35 21.39
CA ILE A 305 -9.86 -3.40 19.93
C ILE A 305 -11.19 -3.03 19.26
N ASP A 306 -11.12 -2.55 18.02
CA ASP A 306 -12.31 -2.12 17.28
C ASP A 306 -12.89 -3.25 16.41
N GLU A 307 -13.92 -2.92 15.64
CA GLU A 307 -14.61 -3.85 14.74
C GLU A 307 -13.74 -4.47 13.65
N TYR A 308 -12.71 -3.75 13.23
CA TYR A 308 -11.72 -4.27 12.27
C TYR A 308 -10.70 -5.20 12.89
N GLY A 309 -10.59 -5.22 14.22
CA GLY A 309 -9.61 -6.05 14.93
C GLY A 309 -8.33 -5.32 15.32
N ASN A 310 -8.34 -3.99 15.21
CA ASN A 310 -7.17 -3.19 15.51
C ASN A 310 -7.35 -2.48 16.82
N SER A 311 -6.25 -2.33 17.55
CA SER A 311 -6.28 -1.55 18.76
C SER A 311 -6.95 -0.22 18.47
N LEU A 312 -8.00 0.07 19.24
CA LEU A 312 -8.79 1.27 19.07
C LEU A 312 -8.02 2.55 19.45
N THR A 313 -7.63 2.66 20.72
CA THR A 313 -6.88 3.82 21.23
C THR A 313 -5.44 3.88 20.68
N GLY A 314 -4.84 2.71 20.46
CA GLY A 314 -3.55 2.60 19.75
C GLY A 314 -3.57 3.13 18.31
N GLY A 315 -4.58 2.74 17.54
CA GLY A 315 -4.83 3.31 16.22
C GLY A 315 -5.01 4.82 16.21
N MSE A 316 -5.74 5.34 17.19
CA MSE A 316 -5.89 6.78 17.37
C MSE A 316 -4.57 7.49 17.72
O MSE A 316 -4.30 8.57 17.21
CB MSE A 316 -7.00 7.11 18.40
CG MSE A 316 -8.39 6.59 18.01
SE MSE A 316 -9.72 6.98 19.38
CE MSE A 316 -10.34 8.72 18.70
N LEU A 317 -3.78 6.91 18.61
CA LEU A 317 -2.44 7.42 18.90
C LEU A 317 -1.60 7.51 17.63
N LEU A 318 -1.49 6.39 16.92
CA LEU A 318 -0.67 6.34 15.73
C LEU A 318 -1.10 7.36 14.68
N LYS A 319 -2.40 7.52 14.47
CA LYS A 319 -2.91 8.50 13.48
C LYS A 319 -2.52 9.91 13.88
N HIS A 320 -2.64 10.23 15.15
CA HIS A 320 -2.24 11.53 15.69
C HIS A 320 -0.77 11.86 15.50
N MSE A 321 0.11 10.94 15.89
CA MSE A 321 1.55 11.09 15.68
C MSE A 321 1.88 11.28 14.21
O MSE A 321 2.69 12.14 13.87
CB MSE A 321 2.26 9.83 16.11
CG MSE A 321 2.21 9.49 17.58
SE MSE A 321 2.88 7.65 17.62
CE MSE A 321 4.60 8.02 16.79
N ALA A 322 1.29 10.46 13.35
CA ALA A 322 1.59 10.49 11.94
C ALA A 322 1.18 11.84 11.33
N GLN A 323 0.01 12.34 11.72
CA GLN A 323 -0.53 13.61 11.23
C GLN A 323 0.22 14.80 11.81
N GLU A 324 0.46 14.75 13.13
CA GLU A 324 1.18 15.82 13.80
C GLU A 324 2.65 15.90 13.36
N TRP A 325 3.34 14.77 13.32
CA TRP A 325 4.74 14.80 12.90
C TRP A 325 5.01 14.59 11.40
N GLU A 326 3.93 14.55 10.60
CA GLU A 326 4.01 14.32 9.16
C GLU A 326 4.82 13.09 8.76
N LEU A 327 4.51 11.94 9.35
CA LEU A 327 5.30 10.72 9.16
C LEU A 327 4.99 9.93 7.87
N SER A 328 3.90 10.28 7.20
CA SER A 328 3.44 9.58 5.99
C SER A 328 4.53 9.42 4.94
N ILE A 329 4.69 8.20 4.42
CA ILE A 329 5.65 7.91 3.35
C ILE A 329 5.23 8.41 1.95
N PHE A 330 4.07 9.06 1.87
CA PHE A 330 3.45 9.46 0.62
C PHE A 330 3.75 10.91 0.23
N ALA B 3 36.25 2.39 -43.00
CA ALA B 3 34.92 2.82 -42.48
C ALA B 3 34.88 4.32 -42.24
N MSE B 4 34.60 5.07 -43.31
CA MSE B 4 34.56 6.54 -43.25
C MSE B 4 33.40 7.08 -42.41
O MSE B 4 33.50 8.19 -41.89
CB MSE B 4 34.51 7.15 -44.65
CG MSE B 4 35.84 7.15 -45.36
SE MSE B 4 35.88 8.33 -46.92
CE MSE B 4 37.46 7.54 -47.79
N LYS B 5 32.33 6.30 -42.31
CA LYS B 5 31.14 6.66 -41.53
C LYS B 5 30.84 5.62 -40.44
N GLU B 6 30.54 6.09 -39.23
CA GLU B 6 30.25 5.20 -38.10
C GLU B 6 29.47 5.90 -36.98
N LEU B 7 29.36 5.23 -35.84
CA LEU B 7 28.79 5.80 -34.61
C LEU B 7 29.88 6.01 -33.56
N ILE B 8 29.49 6.44 -32.37
CA ILE B 8 30.44 6.87 -31.32
C ILE B 8 30.73 5.87 -30.19
N LYS B 9 32.03 5.66 -29.94
CA LYS B 9 32.52 4.90 -28.79
C LYS B 9 32.21 5.68 -27.50
N GLU B 10 31.85 4.95 -26.43
CA GLU B 10 31.48 5.57 -25.16
C GLU B 10 32.70 6.07 -24.37
N ASN B 16 24.07 8.30 -15.37
CA ASN B 16 23.38 9.04 -16.45
C ASN B 16 22.01 8.44 -16.79
N PRO B 17 20.93 8.96 -16.15
CA PRO B 17 19.57 8.41 -16.22
C PRO B 17 19.01 8.38 -17.62
N ALA B 18 19.42 9.35 -18.43
CA ALA B 18 18.95 9.46 -19.80
C ALA B 18 19.55 8.36 -20.69
N LEU B 19 20.85 8.12 -20.59
CA LEU B 19 21.44 6.99 -21.30
C LEU B 19 20.81 5.67 -20.84
N GLN B 20 20.79 5.48 -19.53
CA GLN B 20 20.16 4.32 -18.91
C GLN B 20 18.78 4.07 -19.48
N LEU B 21 17.92 5.10 -19.48
CA LEU B 21 16.55 4.96 -19.99
C LEU B 21 16.46 4.52 -21.45
N HIS B 22 17.39 4.97 -22.28
CA HIS B 22 17.45 4.57 -23.69
C HIS B 22 17.80 3.09 -23.81
N ASP B 23 18.78 2.65 -23.03
CA ASP B 23 19.26 1.27 -23.08
C ASP B 23 18.21 0.31 -22.60
N TRP B 24 17.51 0.70 -21.52
CA TRP B 24 16.47 -0.11 -20.90
C TRP B 24 15.20 -0.23 -21.74
N VAL B 25 14.90 0.81 -22.54
CA VAL B 25 13.78 0.76 -23.51
C VAL B 25 14.09 -0.21 -24.64
N GLU B 26 15.31 -0.14 -25.18
CA GLU B 26 15.72 -1.09 -26.23
C GLU B 26 15.74 -2.53 -25.73
N TYR B 27 16.11 -2.69 -24.47
CA TYR B 27 16.22 -4.00 -23.85
C TYR B 27 14.84 -4.58 -23.63
N TYR B 28 13.94 -3.79 -23.07
CA TYR B 28 12.64 -4.33 -22.68
C TYR B 28 11.61 -4.38 -23.79
N ARG B 29 11.81 -3.60 -24.85
CA ARG B 29 10.84 -3.52 -25.94
C ARG B 29 10.47 -4.91 -26.52
N PRO B 30 11.48 -5.74 -26.88
CA PRO B 30 11.14 -7.06 -27.43
C PRO B 30 10.21 -7.96 -26.58
N PHE B 31 10.04 -7.67 -25.29
CA PHE B 31 9.28 -8.57 -24.41
C PHE B 31 7.77 -8.44 -24.64
N ALA B 32 7.38 -7.43 -25.40
CA ALA B 32 6.00 -7.15 -25.79
C ALA B 32 5.39 -8.26 -26.63
N ALA B 33 6.21 -9.25 -27.02
CA ALA B 33 5.74 -10.45 -27.70
C ALA B 33 5.06 -11.46 -26.76
N ASN B 34 5.14 -11.21 -25.46
CA ASN B 34 4.57 -12.11 -24.43
C ASN B 34 3.20 -11.65 -23.93
N GLY B 35 2.75 -10.49 -24.41
CA GLY B 35 1.40 -10.03 -24.15
C GLY B 35 0.66 -9.67 -25.43
N GLN B 36 -0.37 -8.85 -25.27
CA GLN B 36 -1.19 -8.32 -26.38
C GLN B 36 -1.81 -7.00 -25.94
N SER B 37 -2.27 -6.20 -26.90
CA SER B 37 -3.03 -5.00 -26.56
C SER B 37 -4.47 -5.39 -26.18
N ALA B 38 -5.23 -4.47 -25.58
CA ALA B 38 -6.61 -4.77 -25.11
C ALA B 38 -7.56 -5.13 -26.25
N ASN B 39 -8.20 -6.31 -26.14
CA ASN B 39 -9.17 -6.77 -27.13
C ASN B 39 -10.56 -6.17 -26.95
N TYR B 40 -11.01 -6.12 -25.69
CA TYR B 40 -12.41 -5.86 -25.36
C TYR B 40 -12.92 -4.46 -25.75
N ILE B 41 -12.01 -3.50 -25.86
CA ILE B 41 -12.28 -2.23 -26.51
C ILE B 41 -11.75 -2.38 -27.94
N PRO B 42 -12.65 -2.52 -28.94
CA PRO B 42 -12.22 -2.84 -30.31
C PRO B 42 -11.29 -1.79 -30.93
N ALA B 43 -11.56 -0.51 -30.68
CA ALA B 43 -10.72 0.57 -31.21
C ALA B 43 -9.33 0.64 -30.57
N LEU B 44 -9.16 -0.04 -29.43
CA LEU B 44 -7.85 -0.17 -28.76
C LEU B 44 -7.00 -1.34 -29.26
N GLY B 45 -7.63 -2.45 -29.64
CA GLY B 45 -6.91 -3.66 -30.04
C GLY B 45 -6.34 -3.56 -31.44
N LYS B 46 -5.89 -2.35 -31.80
CA LYS B 46 -5.57 -1.98 -33.18
C LYS B 46 -4.23 -1.18 -33.24
N VAL B 47 -3.64 -0.95 -32.07
CA VAL B 47 -2.43 -0.15 -31.88
C VAL B 47 -1.16 -1.03 -32.01
N ASN B 48 -0.06 -0.45 -32.52
CA ASN B 48 1.25 -1.13 -32.55
C ASN B 48 1.69 -1.64 -31.17
N ASP B 49 1.69 -2.96 -31.04
CA ASP B 49 1.91 -3.69 -29.81
C ASP B 49 3.32 -3.52 -29.24
N SER B 50 4.28 -3.25 -30.14
CA SER B 50 5.70 -3.23 -29.80
C SER B 50 6.21 -1.86 -29.31
N GLN B 51 5.33 -0.87 -29.22
CA GLN B 51 5.70 0.45 -28.68
C GLN B 51 6.05 0.42 -27.19
N LEU B 52 7.03 1.24 -26.82
CA LEU B 52 7.44 1.40 -25.45
C LEU B 52 8.04 2.80 -25.35
N GLY B 53 7.53 3.64 -24.46
CA GLY B 53 8.06 4.97 -24.27
C GLY B 53 7.97 5.42 -22.83
N ILE B 54 8.78 6.41 -22.47
CA ILE B 54 8.80 6.88 -21.08
C ILE B 54 9.19 8.35 -20.96
N CYS B 55 8.50 9.06 -20.09
CA CYS B 55 8.93 10.38 -19.70
C CYS B 55 9.11 10.49 -18.19
N VAL B 56 10.23 11.07 -17.77
CA VAL B 56 10.42 11.44 -16.36
C VAL B 56 10.55 12.97 -16.22
N LEU B 57 9.79 13.55 -15.32
CA LEU B 57 9.77 14.98 -15.10
C LEU B 57 10.23 15.34 -13.68
N GLU B 58 11.26 16.17 -13.58
CA GLU B 58 11.73 16.73 -12.33
C GLU B 58 11.05 18.05 -12.05
N PRO B 59 10.96 18.47 -10.78
CA PRO B 59 10.26 19.70 -10.44
C PRO B 59 10.98 21.00 -10.85
N ASP B 60 12.26 20.94 -11.18
CA ASP B 60 12.95 22.11 -11.73
C ASP B 60 12.65 22.36 -13.21
N GLY B 61 11.88 21.47 -13.82
CA GLY B 61 11.51 21.63 -15.22
C GLY B 61 12.13 20.58 -16.13
N THR B 62 13.25 20.01 -15.69
CA THR B 62 14.01 19.01 -16.43
C THR B 62 13.15 17.79 -16.81
N MSE B 63 13.28 17.36 -18.06
CA MSE B 63 12.50 16.25 -18.61
C MSE B 63 13.43 15.29 -19.31
O MSE B 63 14.26 15.71 -20.09
CB MSE B 63 11.50 16.80 -19.61
CG MSE B 63 10.78 15.77 -20.45
SE MSE B 63 9.38 16.57 -21.51
CE MSE B 63 8.26 17.28 -20.09
N ILE B 64 13.27 13.98 -19.03
CA ILE B 64 14.00 12.95 -19.77
C ILE B 64 12.99 12.04 -20.43
N HIS B 65 13.19 11.74 -21.71
CA HIS B 65 12.30 10.81 -22.39
C HIS B 65 13.04 9.89 -23.32
N ALA B 66 12.56 8.67 -23.46
CA ALA B 66 13.09 7.70 -24.41
C ALA B 66 11.91 7.01 -25.06
N GLY B 67 12.14 6.45 -26.24
CA GLY B 67 11.18 5.61 -26.93
C GLY B 67 10.02 6.37 -27.53
N ASP B 68 8.86 5.74 -27.49
CA ASP B 68 7.63 6.30 -28.05
C ASP B 68 6.92 7.15 -27.00
N TRP B 69 7.63 8.14 -26.46
CA TRP B 69 7.21 8.95 -25.31
C TRP B 69 6.14 9.99 -25.67
N ASN B 70 6.05 10.29 -26.96
CA ASN B 70 5.25 11.39 -27.47
C ASN B 70 4.09 10.87 -28.32
N VAL B 71 3.80 9.58 -28.20
CA VAL B 71 2.69 8.94 -28.91
C VAL B 71 1.45 9.12 -28.05
N SER B 72 0.37 9.58 -28.66
CA SER B 72 -0.87 9.87 -27.93
C SER B 72 -1.65 8.55 -27.67
N PHE B 73 -2.22 8.39 -26.49
CA PHE B 73 -3.01 7.19 -26.20
C PHE B 73 -4.14 7.58 -25.25
N THR B 74 -5.10 6.69 -25.06
CA THR B 74 -6.17 6.98 -24.12
C THR B 74 -5.78 6.60 -22.68
N MSE B 75 -6.28 7.40 -21.75
CA MSE B 75 -5.92 7.31 -20.37
C MSE B 75 -6.45 6.07 -19.75
O MSE B 75 -5.76 5.43 -18.96
CB MSE B 75 -6.42 8.53 -19.63
CG MSE B 75 -5.60 9.72 -20.02
SE MSE B 75 -5.75 11.14 -18.74
CE MSE B 75 -4.54 10.38 -17.44
N GLN B 76 -7.67 5.71 -20.16
CA GLN B 76 -8.38 4.58 -19.60
C GLN B 76 -8.43 4.75 -18.07
N SER B 77 -8.05 3.71 -17.30
CA SER B 77 -8.16 3.74 -15.84
C SER B 77 -7.30 4.77 -15.16
N ILE B 78 -6.27 5.27 -15.82
CA ILE B 78 -5.54 6.39 -15.24
C ILE B 78 -6.51 7.55 -14.91
N SER B 79 -7.60 7.66 -15.67
CA SER B 79 -8.51 8.81 -15.54
C SER B 79 -9.24 8.76 -14.21
N LYS B 80 -9.45 7.55 -13.70
CA LYS B 80 -9.98 7.27 -12.38
C LYS B 80 -9.37 8.05 -11.21
N VAL B 81 -8.06 8.26 -11.24
CA VAL B 81 -7.35 9.07 -10.23
C VAL B 81 -7.78 10.53 -10.37
N ILE B 82 -7.87 11.04 -11.59
CA ILE B 82 -8.35 12.42 -11.83
C ILE B 82 -9.79 12.68 -11.40
N SER B 83 -10.71 11.78 -11.77
CA SER B 83 -12.11 11.99 -11.40
C SER B 83 -12.31 11.82 -9.92
N PHE B 84 -11.58 10.88 -9.32
CA PHE B 84 -11.56 10.74 -7.86
C PHE B 84 -11.13 12.03 -7.20
N ILE B 85 -9.99 12.56 -7.62
CA ILE B 85 -9.50 13.88 -7.16
C ILE B 85 -10.49 15.01 -7.38
N ALA B 86 -11.08 15.03 -8.59
CA ALA B 86 -12.11 16.02 -8.94
C ALA B 86 -13.32 15.90 -8.04
N ALA B 87 -13.79 14.67 -7.78
CA ALA B 87 -14.95 14.48 -6.88
C ALA B 87 -14.63 14.96 -5.45
N CYS B 88 -13.43 14.65 -4.97
CA CYS B 88 -13.00 15.14 -3.64
C CYS B 88 -12.95 16.66 -3.52
N MSE B 89 -12.37 17.33 -4.49
CA MSE B 89 -12.30 18.78 -4.54
C MSE B 89 -13.68 19.46 -4.56
O MSE B 89 -13.88 20.47 -3.90
CB MSE B 89 -11.49 19.24 -5.75
CG MSE B 89 -9.98 18.97 -5.63
SE MSE B 89 -9.00 19.26 -7.31
CE MSE B 89 -9.27 21.18 -7.46
N SER B 90 -14.60 18.90 -5.32
CA SER B 90 -15.99 19.37 -5.40
C SER B 90 -16.79 19.05 -4.13
N ARG B 91 -16.87 17.78 -3.76
CA ARG B 91 -17.78 17.33 -2.70
C ARG B 91 -17.15 17.33 -1.30
N GLY B 92 -15.82 17.30 -1.25
CA GLY B 92 -15.06 17.11 -0.01
C GLY B 92 -14.80 15.63 0.21
N ILE B 93 -13.73 15.31 0.91
CA ILE B 93 -13.39 13.92 1.21
C ILE B 93 -14.50 13.17 1.99
N PRO B 94 -15.04 13.76 3.08
CA PRO B 94 -16.06 12.99 3.80
C PRO B 94 -17.24 12.47 2.94
N TYR B 95 -17.73 13.31 2.03
CA TYR B 95 -18.81 12.92 1.13
C TYR B 95 -18.38 11.78 0.20
N VAL B 96 -17.17 11.89 -0.34
CA VAL B 96 -16.68 10.88 -1.27
C VAL B 96 -16.51 9.51 -0.59
N LEU B 97 -15.87 9.48 0.59
CA LEU B 97 -15.64 8.24 1.33
C LEU B 97 -16.89 7.61 1.98
N ASP B 98 -18.03 8.29 1.96
CA ASP B 98 -19.31 7.63 2.30
C ASP B 98 -19.83 6.74 1.16
N ARG B 99 -19.41 7.04 -0.07
CA ARG B 99 -19.99 6.40 -1.23
C ARG B 99 -19.02 5.46 -1.92
N VAL B 100 -17.77 5.51 -1.48
CA VAL B 100 -16.70 4.76 -2.11
C VAL B 100 -15.72 4.26 -1.02
N ASP B 101 -15.19 3.04 -1.15
CA ASP B 101 -14.25 2.48 -0.14
C ASP B 101 -12.79 2.72 -0.51
N VAL B 102 -11.91 2.86 0.49
CA VAL B 102 -10.46 2.96 0.20
C VAL B 102 -9.73 1.65 0.42
N GLU B 103 -10.50 0.60 0.72
CA GLU B 103 -9.95 -0.75 0.91
C GLU B 103 -9.69 -1.47 -0.42
N PRO B 104 -8.48 -2.07 -0.59
CA PRO B 104 -8.16 -2.83 -1.81
C PRO B 104 -9.18 -3.94 -2.02
N GLY B 121 -26.40 -3.29 0.34
CA GLY B 121 -25.43 -2.54 -0.46
C GLY B 121 -24.10 -2.22 0.23
N LYS B 122 -23.02 -2.28 -0.54
CA LYS B 122 -21.69 -1.86 -0.05
C LYS B 122 -21.02 -0.90 -1.06
N PRO B 123 -20.19 0.05 -0.57
CA PRO B 123 -19.47 0.89 -1.51
C PRO B 123 -18.35 0.09 -2.14
N PHE B 124 -17.92 0.52 -3.32
CA PHE B 124 -16.79 -0.13 -3.97
C PHE B 124 -15.58 0.81 -3.99
N ASN B 125 -14.40 0.26 -4.31
CA ASN B 125 -13.14 1.03 -4.48
C ASN B 125 -13.07 1.93 -5.73
N PRO B 126 -12.62 3.19 -5.61
CA PRO B 126 -12.64 4.13 -6.75
C PRO B 126 -11.69 3.77 -7.90
N MSE B 127 -10.75 2.87 -7.63
CA MSE B 127 -9.82 2.46 -8.65
C MSE B 127 -10.36 1.34 -9.52
O MSE B 127 -9.80 1.05 -10.57
CB MSE B 127 -8.48 2.04 -8.02
CG MSE B 127 -7.74 3.15 -7.26
SE MSE B 127 -7.42 4.70 -8.37
CE MSE B 127 -8.85 5.95 -7.86
N ILE B 128 -11.45 0.73 -9.08
CA ILE B 128 -12.10 -0.30 -9.85
C ILE B 128 -13.33 0.26 -10.54
N ASN B 129 -13.77 -0.40 -11.60
CA ASN B 129 -14.88 0.09 -12.42
C ASN B 129 -16.10 0.53 -11.62
N ALA B 130 -16.51 -0.30 -10.67
CA ALA B 130 -17.69 -0.01 -9.87
C ALA B 130 -17.56 1.23 -9.02
N GLY B 131 -16.45 1.38 -8.28
CA GLY B 131 -16.16 2.63 -7.57
C GLY B 131 -16.01 3.84 -8.50
N ALA B 132 -15.41 3.63 -9.65
CA ALA B 132 -15.20 4.73 -10.59
C ALA B 132 -16.52 5.24 -11.21
N LEU B 133 -17.48 4.34 -11.43
CA LEU B 133 -18.79 4.75 -11.90
C LEU B 133 -19.51 5.61 -10.83
N THR B 134 -19.44 5.21 -9.58
CA THR B 134 -20.00 6.01 -8.49
C THR B 134 -19.39 7.43 -8.46
N ILE B 135 -18.07 7.51 -8.58
CA ILE B 135 -17.35 8.78 -8.59
C ILE B 135 -17.83 9.68 -9.75
N ALA B 136 -17.87 9.14 -10.97
CA ALA B 136 -18.45 9.83 -12.13
C ALA B 136 -19.83 10.41 -11.80
N SER B 137 -20.63 9.64 -11.09
CA SER B 137 -22.00 10.05 -10.82
C SER B 137 -22.09 11.15 -9.79
N ILE B 138 -21.00 11.40 -9.05
CA ILE B 138 -21.04 12.46 -8.00
C ILE B 138 -20.31 13.76 -8.38
N LEU B 139 -19.66 13.77 -9.53
CA LEU B 139 -19.12 14.98 -10.09
C LEU B 139 -20.25 16.00 -10.16
N PRO B 140 -19.94 17.27 -9.86
CA PRO B 140 -21.01 18.26 -9.79
C PRO B 140 -21.56 18.55 -11.18
N GLY B 141 -22.86 18.75 -11.27
CA GLY B 141 -23.46 19.15 -12.52
C GLY B 141 -24.64 18.27 -12.74
N GLU B 142 -25.61 18.76 -13.50
CA GLU B 142 -26.90 18.10 -13.64
C GLU B 142 -27.04 17.27 -14.90
N SER B 143 -25.96 17.22 -15.69
CA SER B 143 -25.89 16.42 -16.90
C SER B 143 -24.45 15.91 -17.09
N ALA B 144 -24.25 15.08 -18.11
CA ALA B 144 -22.96 14.52 -18.44
C ALA B 144 -22.00 15.61 -18.90
N TYR B 145 -22.52 16.56 -19.69
CA TYR B 145 -21.75 17.68 -20.19
C TYR B 145 -21.21 18.58 -19.07
N GLU B 146 -22.03 18.87 -18.06
CA GLU B 146 -21.58 19.69 -16.93
C GLU B 146 -20.59 18.95 -16.04
N LYS B 147 -20.85 17.65 -15.82
CA LYS B 147 -19.91 16.82 -15.03
C LYS B 147 -18.54 16.78 -15.71
N LEU B 148 -18.51 16.60 -17.03
CA LEU B 148 -17.26 16.43 -17.77
C LEU B 148 -16.55 17.75 -17.94
N GLU B 149 -17.33 18.82 -17.89
CA GLU B 149 -16.77 20.15 -18.01
C GLU B 149 -15.93 20.53 -16.77
N PHE B 150 -16.40 20.15 -15.58
CA PHE B 150 -15.65 20.34 -14.34
C PHE B 150 -14.41 19.46 -14.37
N LEU B 151 -14.58 18.22 -14.79
CA LEU B 151 -13.46 17.29 -14.93
C LEU B 151 -12.38 17.83 -15.87
N TYR B 152 -12.79 18.27 -17.07
CA TYR B 152 -11.82 18.77 -18.04
C TYR B 152 -11.14 20.00 -17.53
N SER B 153 -11.87 20.81 -16.74
CA SER B 153 -11.27 22.05 -16.29
C SER B 153 -10.26 21.82 -15.15
N VAL B 154 -10.54 20.83 -14.27
CA VAL B 154 -9.55 20.29 -13.33
C VAL B 154 -8.31 19.76 -14.07
N MSE B 155 -8.53 19.05 -15.16
CA MSE B 155 -7.45 18.50 -15.95
C MSE B 155 -6.57 19.59 -16.59
O MSE B 155 -5.33 19.46 -16.69
CB MSE B 155 -8.06 17.55 -16.98
CG MSE B 155 -7.05 16.80 -17.79
SE MSE B 155 -6.21 15.39 -16.72
CE MSE B 155 -7.67 14.21 -16.75
N GLU B 156 -7.19 20.71 -16.97
CA GLU B 156 -6.46 21.84 -17.52
C GLU B 156 -5.50 22.51 -16.52
N THR B 157 -5.96 22.65 -15.28
CA THR B 157 -5.13 23.19 -14.19
C THR B 157 -3.91 22.28 -13.87
N LEU B 158 -3.92 21.03 -14.34
CA LEU B 158 -2.85 20.09 -14.06
C LEU B 158 -1.87 20.08 -15.21
N ILE B 159 -2.37 19.84 -16.41
CA ILE B 159 -1.51 19.68 -17.59
C ILE B 159 -1.39 20.94 -18.46
N GLY B 160 -2.24 21.94 -18.22
CA GLY B 160 -2.09 23.23 -18.89
C GLY B 160 -2.70 23.34 -20.27
N LYS B 161 -3.60 22.41 -20.59
CA LYS B 161 -4.40 22.45 -21.80
C LYS B 161 -5.63 21.63 -21.54
N ARG B 162 -6.72 21.96 -22.21
CA ARG B 162 -7.90 21.08 -22.20
C ARG B 162 -7.60 19.80 -22.98
N PRO B 163 -8.17 18.67 -22.56
CA PRO B 163 -7.67 17.45 -23.20
C PRO B 163 -8.52 17.04 -24.42
N ARG B 164 -7.87 16.42 -25.41
CA ARG B 164 -8.51 15.88 -26.59
C ARG B 164 -9.23 14.59 -26.21
N ILE B 165 -10.47 14.43 -26.69
CA ILE B 165 -11.22 13.21 -26.46
C ILE B 165 -11.13 12.38 -27.72
N HIS B 166 -10.82 11.10 -27.54
CA HIS B 166 -10.79 10.17 -28.66
C HIS B 166 -12.24 9.70 -28.91
N GLU B 167 -12.92 10.37 -29.84
CA GLU B 167 -14.34 10.12 -30.08
C GLU B 167 -14.56 8.71 -30.62
N GLU B 168 -13.61 8.20 -31.39
CA GLU B 168 -13.70 6.86 -31.94
C GLU B 168 -13.59 5.79 -30.86
N VAL B 169 -12.58 5.91 -29.99
CA VAL B 169 -12.47 5.02 -28.83
C VAL B 169 -13.74 5.10 -27.98
N PHE B 170 -14.21 6.32 -27.66
CA PHE B 170 -15.46 6.50 -26.94
C PHE B 170 -16.67 5.77 -27.55
N ARG B 171 -16.93 5.93 -28.84
N ARG B 171 -16.93 5.98 -28.84
CA ARG B 171 -18.15 5.37 -29.44
CA ARG B 171 -18.06 5.38 -29.55
C ARG B 171 -18.09 3.86 -29.72
C ARG B 171 -18.04 3.87 -29.40
N SER B 172 -16.88 3.29 -29.74
CA SER B 172 -16.72 1.85 -29.82
C SER B 172 -16.87 1.26 -28.43
N GLU B 173 -16.31 1.91 -27.41
CA GLU B 173 -16.58 1.48 -26.03
C GLU B 173 -18.07 1.63 -25.60
N TRP B 174 -18.70 2.73 -25.96
CA TRP B 174 -20.12 2.99 -25.70
C TRP B 174 -21.13 1.97 -26.29
N GLU B 175 -20.79 1.45 -27.46
N GLU B 175 -20.84 1.47 -27.49
CA GLU B 175 -21.63 0.46 -28.15
CA GLU B 175 -21.72 0.45 -28.05
C GLU B 175 -21.58 -0.92 -27.51
C GLU B 175 -21.67 -0.82 -27.21
N THR B 176 -20.46 -1.23 -26.85
CA THR B 176 -20.18 -2.56 -26.31
C THR B 176 -20.00 -2.59 -24.78
N ALA B 177 -20.63 -1.65 -24.07
CA ALA B 177 -20.34 -1.48 -22.64
C ALA B 177 -21.33 -2.19 -21.73
N HIS B 178 -21.62 -3.44 -22.06
CA HIS B 178 -22.56 -4.26 -21.30
C HIS B 178 -22.17 -4.40 -19.85
N ARG B 179 -20.91 -4.75 -19.59
CA ARG B 179 -20.46 -4.99 -18.23
C ARG B 179 -20.60 -3.76 -17.38
N ASN B 180 -20.20 -2.61 -17.91
CA ASN B 180 -20.32 -1.36 -17.19
C ASN B 180 -21.78 -0.92 -16.98
N ARG B 181 -22.65 -1.21 -17.95
CA ARG B 181 -24.08 -0.94 -17.76
C ARG B 181 -24.68 -1.85 -16.70
N ALA B 182 -24.28 -3.10 -16.72
CA ALA B 182 -24.67 -4.07 -15.69
C ALA B 182 -24.29 -3.54 -14.30
N LEU B 183 -23.01 -3.18 -14.12
CA LEU B 183 -22.52 -2.55 -12.90
C LEU B 183 -23.25 -1.26 -12.54
N ALA B 184 -23.36 -0.35 -13.51
CA ALA B 184 -24.08 0.91 -13.29
C ALA B 184 -25.51 0.71 -12.79
N TYR B 185 -26.26 -0.23 -13.39
CA TYR B 185 -27.60 -0.55 -12.92
C TYR B 185 -27.59 -1.23 -11.56
N TYR B 186 -26.58 -2.03 -11.31
CA TYR B 186 -26.40 -2.57 -10.00
C TYR B 186 -26.18 -1.47 -8.95
N LEU B 187 -25.30 -0.51 -9.22
CA LEU B 187 -25.06 0.60 -8.28
C LEU B 187 -26.29 1.48 -8.09
N LYS B 188 -27.07 1.67 -9.16
CA LYS B 188 -28.34 2.38 -9.12
C LYS B 188 -29.35 1.65 -8.25
N GLU B 189 -29.48 0.34 -8.43
CA GLU B 189 -30.34 -0.47 -7.57
C GLU B 189 -29.95 -0.34 -6.08
N THR B 190 -28.67 -0.38 -5.80
CA THR B 190 -28.19 -0.44 -4.42
C THR B 190 -27.99 0.95 -3.84
N ASN B 191 -28.22 1.97 -4.67
CA ASN B 191 -28.29 3.35 -4.21
C ASN B 191 -26.94 4.07 -4.12
N PHE B 192 -26.02 3.72 -5.00
CA PHE B 192 -24.68 4.30 -4.98
C PHE B 192 -24.39 5.23 -6.15
N LEU B 193 -25.37 5.44 -7.01
CA LEU B 193 -25.20 6.31 -8.15
C LEU B 193 -25.94 7.56 -7.83
N GLU B 194 -25.27 8.72 -7.84
CA GLU B 194 -25.96 10.01 -7.64
C GLU B 194 -26.40 10.64 -8.98
N ALA B 195 -26.41 9.86 -10.05
CA ALA B 195 -26.88 10.32 -11.36
C ALA B 195 -27.66 9.22 -12.05
N GLU B 196 -28.15 9.49 -13.26
CA GLU B 196 -28.83 8.45 -14.04
C GLU B 196 -27.78 7.55 -14.69
N VAL B 197 -28.17 6.35 -15.08
CA VAL B 197 -27.22 5.38 -15.60
C VAL B 197 -26.56 5.82 -16.91
N GLU B 198 -27.34 6.24 -17.90
CA GLU B 198 -26.77 6.61 -19.21
C GLU B 198 -25.83 7.85 -19.10
N GLU B 199 -26.22 8.81 -18.30
CA GLU B 199 -25.42 9.96 -17.95
C GLU B 199 -24.07 9.59 -17.29
N THR B 200 -24.11 8.75 -16.25
CA THR B 200 -22.90 8.25 -15.56
C THR B 200 -21.98 7.52 -16.53
N LEU B 201 -22.56 6.64 -17.34
CA LEU B 201 -21.83 5.85 -18.30
C LEU B 201 -21.14 6.75 -19.32
N GLU B 202 -21.84 7.79 -19.77
CA GLU B 202 -21.24 8.76 -20.69
C GLU B 202 -20.00 9.47 -20.11
N VAL B 203 -20.14 9.97 -18.88
CA VAL B 203 -19.04 10.62 -18.16
C VAL B 203 -17.85 9.66 -17.95
N TYR B 204 -18.16 8.42 -17.54
CA TYR B 204 -17.13 7.44 -17.24
C TYR B 204 -16.41 7.02 -18.51
N LEU B 205 -17.15 6.77 -19.59
CA LEU B 205 -16.51 6.39 -20.84
C LEU B 205 -15.73 7.50 -21.58
N LYS B 206 -16.14 8.75 -21.40
CA LYS B 206 -15.41 9.89 -21.94
C LYS B 206 -14.14 10.17 -21.12
N GLN B 207 -14.24 10.12 -19.78
CA GLN B 207 -13.02 10.31 -18.99
C GLN B 207 -11.96 9.30 -19.42
N CYS B 208 -12.38 8.05 -19.60
CA CYS B 208 -11.51 6.99 -20.12
C CYS B 208 -10.93 7.27 -21.48
N ALA B 209 -11.69 7.95 -22.35
CA ALA B 209 -11.15 8.27 -23.67
C ALA B 209 -10.41 9.61 -23.76
N MSE B 210 -10.25 10.33 -22.64
CA MSE B 210 -9.33 11.49 -22.64
C MSE B 210 -7.94 11.02 -23.03
O MSE B 210 -7.49 9.96 -22.60
CB MSE B 210 -9.23 12.20 -21.29
CG MSE B 210 -10.51 12.77 -20.74
SE MSE B 210 -10.13 13.82 -19.13
CE MSE B 210 -9.48 12.38 -17.94
N GLU B 211 -7.28 11.82 -23.88
CA GLU B 211 -6.02 11.45 -24.52
C GLU B 211 -4.84 12.07 -23.80
N SER B 212 -3.70 11.38 -23.87
CA SER B 212 -2.52 11.80 -23.14
C SER B 212 -1.29 11.27 -23.84
N THR B 213 -0.15 11.91 -23.59
CA THR B 213 1.16 11.28 -23.84
C THR B 213 1.86 10.99 -22.51
N THR B 214 3.02 10.33 -22.58
CA THR B 214 3.78 9.98 -21.35
C THR B 214 4.11 11.27 -20.59
N GLU B 215 4.25 12.36 -21.31
CA GLU B 215 4.56 13.66 -20.74
C GLU B 215 3.46 14.21 -19.83
N ASP B 216 2.21 14.19 -20.29
CA ASP B 216 1.08 14.69 -19.51
C ASP B 216 0.85 13.90 -18.23
N ILE B 217 1.01 12.59 -18.32
CA ILE B 217 0.87 11.76 -17.13
C ILE B 217 2.13 11.88 -16.23
N ALA B 218 3.30 12.12 -16.80
CA ALA B 218 4.44 12.43 -15.98
C ALA B 218 4.19 13.72 -15.19
N LEU B 219 3.50 14.69 -15.78
CA LEU B 219 3.22 15.95 -15.10
C LEU B 219 2.20 15.79 -13.98
N ILE B 220 1.14 15.05 -14.23
CA ILE B 220 0.19 14.79 -13.17
C ILE B 220 0.86 14.01 -12.03
N GLY B 221 1.73 13.06 -12.38
CA GLY B 221 2.49 12.30 -11.37
C GLY B 221 3.42 13.18 -10.57
N LEU B 222 4.13 14.10 -11.24
CA LEU B 222 4.98 15.08 -10.52
C LEU B 222 4.20 15.90 -9.52
N ILE B 223 3.06 16.40 -9.96
CA ILE B 223 2.18 17.20 -9.08
C ILE B 223 1.73 16.40 -7.87
N LEU B 224 1.29 15.16 -8.04
CA LEU B 224 0.95 14.33 -6.88
C LEU B 224 2.13 14.08 -5.95
N ALA B 225 3.32 13.88 -6.51
CA ALA B 225 4.54 13.67 -5.70
C ALA B 225 4.80 14.85 -4.77
N HIS B 226 4.34 16.03 -5.18
CA HIS B 226 4.48 17.24 -4.40
C HIS B 226 3.21 17.64 -3.65
N ASP B 227 2.35 16.65 -3.41
CA ASP B 227 1.20 16.86 -2.56
C ASP B 227 0.24 17.86 -3.13
N GLY B 228 0.13 17.85 -4.45
CA GLY B 228 -0.84 18.70 -5.16
C GLY B 228 -0.29 20.08 -5.46
N TYR B 229 1.01 20.22 -5.27
CA TYR B 229 1.68 21.46 -5.59
C TYR B 229 2.26 21.35 -7.00
N HIS B 230 1.90 22.31 -7.85
CA HIS B 230 2.39 22.37 -9.21
C HIS B 230 3.76 23.05 -9.20
N PRO B 231 4.86 22.27 -9.34
CA PRO B 231 6.17 22.86 -9.10
C PRO B 231 6.68 23.68 -10.27
N ILE B 232 5.97 23.62 -11.39
CA ILE B 232 6.30 24.40 -12.58
C ILE B 232 5.56 25.74 -12.54
N ARG B 233 4.31 25.70 -12.11
CA ARG B 233 3.49 26.88 -11.99
C ARG B 233 3.62 27.62 -10.66
N HIS B 234 4.04 26.91 -9.62
CA HIS B 234 4.17 27.48 -8.27
C HIS B 234 2.85 27.87 -7.63
N GLU B 235 1.88 26.97 -7.70
N GLU B 235 1.90 26.93 -7.65
CA GLU B 235 0.66 27.10 -6.91
CA GLU B 235 0.59 27.08 -7.02
C GLU B 235 0.09 25.74 -6.55
C GLU B 235 0.08 25.72 -6.56
N GLN B 236 -0.72 25.73 -5.51
CA GLN B 236 -1.32 24.51 -4.99
C GLN B 236 -2.58 24.21 -5.81
N VAL B 237 -2.54 23.15 -6.62
CA VAL B 237 -3.64 22.80 -7.57
C VAL B 237 -4.57 21.67 -7.08
N ILE B 238 -4.05 20.75 -6.28
CA ILE B 238 -4.87 19.74 -5.63
C ILE B 238 -4.65 19.96 -4.13
N PRO B 239 -5.71 19.94 -3.30
CA PRO B 239 -5.37 19.99 -1.86
C PRO B 239 -4.51 18.79 -1.46
N LYS B 240 -3.76 18.97 -0.38
CA LYS B 240 -2.70 18.07 0.03
C LYS B 240 -3.32 16.79 0.55
N ASP B 241 -4.38 16.90 1.33
CA ASP B 241 -5.01 15.67 1.85
C ASP B 241 -5.63 14.80 0.73
N VAL B 242 -6.24 15.45 -0.26
CA VAL B 242 -6.71 14.81 -1.50
C VAL B 242 -5.55 14.10 -2.23
N ALA B 243 -4.43 14.80 -2.40
CA ALA B 243 -3.25 14.32 -3.07
C ALA B 243 -2.63 13.10 -2.40
N LYS B 244 -2.60 13.09 -1.06
CA LYS B 244 -2.12 11.94 -0.27
C LYS B 244 -3.04 10.74 -0.40
N LEU B 245 -4.34 10.99 -0.39
CA LEU B 245 -5.34 9.96 -0.54
C LEU B 245 -5.26 9.32 -1.95
N ALA B 246 -5.12 10.14 -2.98
CA ALA B 246 -4.85 9.61 -4.35
C ALA B 246 -3.62 8.70 -4.40
N LYS B 247 -2.51 9.12 -3.78
CA LYS B 247 -1.28 8.31 -3.69
C LYS B 247 -1.46 6.98 -2.94
N ALA B 248 -2.13 7.01 -1.80
CA ALA B 248 -2.42 5.81 -1.07
C ALA B 248 -3.18 4.80 -1.94
N LEU B 249 -4.31 5.25 -2.51
CA LEU B 249 -5.10 4.49 -3.49
C LEU B 249 -4.29 3.89 -4.68
N MSE B 250 -3.30 4.61 -5.17
CA MSE B 250 -2.43 4.08 -6.26
C MSE B 250 -1.51 2.94 -5.78
O MSE B 250 -1.40 1.88 -6.43
CB MSE B 250 -1.58 5.22 -6.85
CG MSE B 250 -2.41 6.24 -7.65
SE MSE B 250 -1.43 7.88 -8.10
CE MSE B 250 -0.18 7.15 -9.44
N LEU B 251 -0.90 3.13 -4.62
CA LEU B 251 -0.03 2.14 -4.04
C LEU B 251 -0.79 0.88 -3.68
N THR B 252 -2.04 1.04 -3.26
CA THR B 252 -2.79 -0.11 -2.75
C THR B 252 -3.70 -0.80 -3.75
N CYS B 253 -4.13 -0.07 -4.79
N CYS B 253 -4.20 -0.06 -4.74
CA CYS B 253 -5.18 -0.53 -5.72
CA CYS B 253 -5.16 -0.59 -5.74
C CYS B 253 -4.87 -0.21 -7.20
C CYS B 253 -5.00 0.13 -7.09
N GLY B 254 -3.77 0.48 -7.44
CA GLY B 254 -3.51 1.11 -8.72
C GLY B 254 -3.09 0.23 -9.87
N MSE B 255 -2.66 -1.00 -9.58
CA MSE B 255 -2.14 -1.87 -10.61
C MSE B 255 -3.00 -3.11 -10.75
O MSE B 255 -2.50 -4.20 -10.98
CB MSE B 255 -0.68 -2.25 -10.34
CG MSE B 255 0.32 -1.10 -10.33
SE MSE B 255 0.35 -0.03 -11.99
CE MSE B 255 1.16 -1.27 -13.24
N TYR B 256 -4.32 -2.92 -10.63
CA TYR B 256 -5.28 -4.02 -10.69
C TYR B 256 -4.96 -5.09 -9.63
N ASN B 257 -4.90 -6.36 -10.02
CA ASN B 257 -4.65 -7.45 -9.10
C ASN B 257 -3.15 -7.75 -8.96
N ALA B 258 -2.30 -6.81 -9.38
CA ALA B 258 -0.86 -6.91 -9.17
C ALA B 258 -0.34 -5.82 -8.23
N SER B 259 -1.23 -5.06 -7.59
CA SER B 259 -0.79 -3.92 -6.77
C SER B 259 0.14 -4.28 -5.61
N GLY B 260 -0.13 -5.40 -4.93
CA GLY B 260 0.73 -5.94 -3.90
C GLY B 260 2.10 -6.27 -4.42
N LYS B 261 2.17 -6.85 -5.61
CA LYS B 261 3.47 -7.21 -6.21
C LYS B 261 4.27 -5.96 -6.54
N TYR B 262 3.61 -4.99 -7.17
CA TYR B 262 4.24 -3.71 -7.41
C TYR B 262 4.70 -3.04 -6.10
N ALA B 263 3.86 -3.01 -5.06
CA ALA B 263 4.29 -2.47 -3.77
C ALA B 263 5.58 -3.16 -3.31
N ALA B 264 5.60 -4.49 -3.34
CA ALA B 264 6.72 -5.30 -2.84
C ALA B 264 7.99 -5.27 -3.68
N PHE B 265 7.88 -5.17 -5.00
CA PHE B 265 9.08 -5.22 -5.84
C PHE B 265 9.35 -3.98 -6.62
N VAL B 266 8.49 -2.99 -6.49
CA VAL B 266 8.70 -1.71 -7.17
C VAL B 266 8.64 -0.54 -6.17
N GLY B 267 7.52 -0.39 -5.45
CA GLY B 267 7.52 0.48 -4.29
C GLY B 267 7.22 1.95 -4.55
N VAL B 268 6.77 2.26 -5.77
CA VAL B 268 6.31 3.63 -6.09
C VAL B 268 4.80 3.64 -6.31
N PRO B 269 4.09 4.68 -5.83
CA PRO B 269 2.66 4.74 -6.23
C PRO B 269 2.56 4.85 -7.73
N ALA B 270 1.76 3.95 -8.33
CA ALA B 270 1.56 3.80 -9.76
C ALA B 270 0.08 3.49 -10.06
N LYS B 271 -0.35 3.88 -11.26
CA LYS B 271 -1.71 3.61 -11.75
C LYS B 271 -1.61 3.18 -13.19
N SER B 272 -2.19 2.03 -13.52
CA SER B 272 -2.21 1.57 -14.90
C SER B 272 -3.54 1.82 -15.64
N GLY B 273 -3.50 1.71 -16.96
CA GLY B 273 -4.67 1.77 -17.87
C GLY B 273 -4.49 0.69 -18.93
N VAL B 274 -5.58 0.11 -19.41
CA VAL B 274 -5.50 -1.02 -20.37
C VAL B 274 -4.98 -0.70 -21.78
N SER B 275 -4.90 0.60 -22.07
CA SER B 275 -4.30 1.08 -23.34
C SER B 275 -2.77 1.07 -23.24
N GLY B 276 -2.26 0.72 -22.07
CA GLY B 276 -0.82 0.51 -21.87
C GLY B 276 -0.11 1.66 -21.17
N GLY B 277 -0.86 2.58 -20.61
CA GLY B 277 -0.27 3.68 -19.90
C GLY B 277 -0.01 3.29 -18.46
N ILE B 278 1.08 3.81 -17.90
CA ILE B 278 1.34 3.75 -16.47
C ILE B 278 1.78 5.15 -16.02
N MSE B 279 1.10 5.68 -15.02
CA MSE B 279 1.54 6.87 -14.32
C MSE B 279 2.13 6.48 -12.95
O MSE B 279 1.51 5.77 -12.17
CB MSE B 279 0.38 7.82 -14.13
CG MSE B 279 0.73 9.04 -13.26
SE MSE B 279 -0.79 10.24 -13.19
CE MSE B 279 -2.02 9.15 -12.16
N ALA B 280 3.34 6.94 -12.68
CA ALA B 280 3.97 6.67 -11.42
C ALA B 280 4.62 7.94 -10.96
N LEU B 281 5.09 7.92 -9.73
CA LEU B 281 5.63 9.10 -9.11
C LEU B 281 6.50 8.69 -7.94
N VAL B 282 7.50 9.51 -7.67
CA VAL B 282 8.43 9.34 -6.55
C VAL B 282 8.42 10.65 -5.75
N PRO B 283 8.02 10.61 -4.46
CA PRO B 283 8.04 11.78 -3.57
C PRO B 283 9.47 12.27 -3.29
N PRO B 284 9.65 13.54 -2.86
CA PRO B 284 10.97 13.94 -2.34
C PRO B 284 11.32 13.08 -1.11
N SER B 285 12.56 12.63 -1.05
CA SER B 285 12.96 11.62 -0.05
C SER B 285 14.31 11.94 0.63
N GLN B 290 20.23 10.68 -4.99
CA GLN B 290 20.49 10.75 -6.42
C GLN B 290 20.25 9.40 -7.12
N PRO B 291 19.61 9.41 -8.32
CA PRO B 291 18.96 10.53 -9.02
C PRO B 291 17.57 10.86 -8.47
N PHE B 292 17.07 12.03 -8.86
CA PHE B 292 15.74 12.52 -8.49
C PHE B 292 15.51 12.59 -6.99
N GLN B 293 16.38 13.30 -6.28
CA GLN B 293 16.17 13.44 -4.83
C GLN B 293 15.05 14.44 -4.50
N SER B 294 14.80 15.37 -5.42
CA SER B 294 13.68 16.31 -5.35
C SER B 294 12.35 15.67 -5.77
N GLY B 295 12.39 14.40 -6.14
CA GLY B 295 11.20 13.70 -6.61
C GLY B 295 11.00 13.76 -8.11
N CYS B 296 9.93 13.14 -8.59
CA CYS B 296 9.68 13.11 -10.03
C CYS B 296 8.35 12.48 -10.39
N GLY B 297 7.87 12.79 -11.57
CA GLY B 297 6.71 12.16 -12.15
C GLY B 297 7.21 11.28 -13.25
N ILE B 298 6.49 10.20 -13.50
CA ILE B 298 6.86 9.26 -14.50
C ILE B 298 5.60 8.94 -15.31
N GLY B 299 5.74 8.99 -16.64
CA GLY B 299 4.72 8.57 -17.55
C GLY B 299 5.36 7.53 -18.40
N ILE B 300 4.68 6.41 -18.55
CA ILE B 300 5.21 5.26 -19.30
C ILE B 300 4.10 4.78 -20.24
N TYR B 301 4.49 4.36 -21.44
CA TYR B 301 3.54 3.79 -22.40
C TYR B 301 4.04 2.50 -23.02
N GLY B 302 3.24 1.45 -22.92
CA GLY B 302 3.57 0.16 -23.51
C GLY B 302 2.32 -0.65 -23.69
N PRO B 303 1.69 -0.55 -24.89
CA PRO B 303 0.38 -1.09 -25.28
C PRO B 303 0.18 -2.59 -25.09
N ALA B 304 1.25 -3.38 -25.16
CA ALA B 304 1.10 -4.81 -24.89
C ALA B 304 0.87 -5.01 -23.40
N ILE B 305 -0.28 -5.56 -23.01
CA ILE B 305 -0.54 -5.72 -21.60
C ILE B 305 -0.46 -7.17 -21.12
N ASP B 306 -0.27 -7.35 -19.81
CA ASP B 306 -0.20 -8.69 -19.24
C ASP B 306 -1.55 -9.19 -18.77
N GLU B 307 -1.55 -10.37 -18.15
N GLU B 307 -1.53 -10.34 -18.09
CA GLU B 307 -2.77 -11.03 -17.67
CA GLU B 307 -2.73 -11.05 -17.66
C GLU B 307 -3.50 -10.26 -16.58
C GLU B 307 -3.36 -10.50 -16.37
N TYR B 308 -2.77 -9.43 -15.84
CA TYR B 308 -3.38 -8.64 -14.78
C TYR B 308 -3.97 -7.33 -15.35
N GLY B 309 -3.61 -6.97 -16.58
CA GLY B 309 -4.17 -5.77 -17.20
C GLY B 309 -3.24 -4.56 -17.17
N ASN B 310 -1.96 -4.81 -16.92
CA ASN B 310 -0.97 -3.76 -16.81
C ASN B 310 -0.01 -3.88 -17.97
N SER B 311 0.56 -2.76 -18.38
CA SER B 311 1.61 -2.81 -19.40
C SER B 311 2.67 -3.85 -19.06
N LEU B 312 2.94 -4.76 -19.99
CA LEU B 312 3.97 -5.77 -19.79
C LEU B 312 5.37 -5.17 -19.74
N THR B 313 5.77 -4.48 -20.81
CA THR B 313 7.13 -3.97 -20.93
C THR B 313 7.30 -2.65 -20.18
N GLY B 314 6.21 -1.92 -20.03
CA GLY B 314 6.21 -0.71 -19.22
C GLY B 314 6.45 -1.04 -17.74
N GLY B 315 5.83 -2.14 -17.28
CA GLY B 315 5.99 -2.64 -15.92
C GLY B 315 7.39 -3.16 -15.69
N MSE B 316 7.95 -3.89 -16.65
CA MSE B 316 9.34 -4.32 -16.55
C MSE B 316 10.30 -3.12 -16.46
O MSE B 316 11.16 -3.08 -15.58
CB MSE B 316 9.71 -5.26 -17.69
CG MSE B 316 8.85 -6.53 -17.75
SE MSE B 316 9.32 -7.64 -19.28
CE MSE B 316 10.75 -8.72 -18.46
N LEU B 317 10.14 -2.13 -17.34
CA LEU B 317 10.88 -0.86 -17.28
C LEU B 317 10.84 -0.17 -15.93
N LEU B 318 9.62 0.03 -15.43
CA LEU B 318 9.39 0.63 -14.14
C LEU B 318 10.09 -0.15 -13.02
N LYS B 319 10.01 -1.49 -13.06
CA LYS B 319 10.65 -2.31 -12.00
C LYS B 319 12.17 -2.14 -12.06
N HIS B 320 12.70 -2.10 -13.27
CA HIS B 320 14.11 -1.85 -13.48
C HIS B 320 14.61 -0.53 -12.88
N MSE B 321 13.96 0.55 -13.26
CA MSE B 321 14.29 1.89 -12.78
C MSE B 321 14.20 1.97 -11.28
O MSE B 321 15.09 2.52 -10.67
CB MSE B 321 13.24 2.87 -13.30
CG MSE B 321 13.20 3.13 -14.79
SE MSE B 321 11.53 4.06 -15.11
CE MSE B 321 11.86 5.63 -14.04
N ALA B 322 13.10 1.47 -10.71
CA ALA B 322 12.90 1.49 -9.28
C ALA B 322 13.98 0.74 -8.49
N GLN B 323 14.47 -0.38 -9.04
CA GLN B 323 15.48 -1.23 -8.39
C GLN B 323 16.86 -0.62 -8.53
N GLU B 324 17.19 -0.18 -9.74
CA GLU B 324 18.47 0.47 -10.03
C GLU B 324 18.68 1.78 -9.25
N TRP B 325 17.66 2.62 -9.23
CA TRP B 325 17.81 3.92 -8.62
C TRP B 325 17.21 3.98 -7.22
N GLU B 326 16.82 2.82 -6.68
CA GLU B 326 16.32 2.68 -5.32
C GLU B 326 15.20 3.63 -4.98
N LEU B 327 14.15 3.55 -5.79
CA LEU B 327 13.03 4.45 -5.70
C LEU B 327 11.99 4.06 -4.66
N SER B 328 12.02 2.83 -4.16
CA SER B 328 10.99 2.39 -3.22
C SER B 328 10.80 3.39 -2.11
N ILE B 329 9.57 3.80 -1.89
CA ILE B 329 9.24 4.64 -0.73
C ILE B 329 9.22 3.83 0.58
N PHE B 330 9.61 2.56 0.52
CA PHE B 330 9.77 1.71 1.73
C PHE B 330 11.23 1.68 2.16
O DON C . -7.81 -20.48 17.63
C DON C . -7.97 -19.53 18.43
OXT DON C . -8.83 -19.46 19.35
CA DON C . -6.98 -18.35 18.26
N DON C . -5.70 -18.78 18.81
CB DON C . -6.77 -17.96 16.79
C1E DON C . -5.28 -17.60 16.48
C1D DON C . -5.19 -16.27 15.74
O1J DON C . -5.67 -16.18 14.62
C1C DON C . -4.57 -15.20 16.39
N1B DON C . -4.43 -14.00 15.85
N1A DON C . -4.28 -12.78 15.38
O DON D . -16.10 -1.48 -23.10
C DON D . -15.96 -0.68 -22.13
OXT DON D . -16.89 -0.34 -21.36
CA DON D . -14.53 -0.08 -21.92
N DON D . -14.19 0.78 -23.06
CB DON D . -14.32 0.77 -20.64
C1E DON D . -12.86 0.75 -20.10
C1D DON D . -12.86 0.30 -18.63
O1J DON D . -13.93 -0.04 -18.13
C1C DON D . -11.75 0.23 -17.79
N1B DON D . -10.48 0.51 -18.01
N1A DON D . -9.18 0.76 -18.12
#